data_1RG2
#
_entry.id   1RG2
#
_cell.length_a   49.811
_cell.length_b   104.688
_cell.length_c   193.310
_cell.angle_alpha   90.00
_cell.angle_beta   90.00
_cell.angle_gamma   90.00
#
_symmetry.space_group_name_H-M   'P 21 21 21'
#
loop_
_entity.id
_entity.type
_entity.pdbx_description
1 polymer "5'-D(*AP*GP*TP*A)-3'"
2 polymer 'Tyrosyl-DNA phosphodiesterase 1'
3 non-polymer 'VANADATE ION'
4 non-polymer SPERMINE
5 non-polymer 4-(2S-AMINO-1-HYDROXYETHYL)PHENOL
6 non-polymer 4-(2R-AMINO-1-HYDROXYETHYL)PHENOL
7 water water
#
loop_
_entity_poly.entity_id
_entity_poly.type
_entity_poly.pdbx_seq_one_letter_code
_entity_poly.pdbx_strand_id
1 'polydeoxyribonucleotide' (DA)(DG)(DT)(DA) D,F
2 'polypeptide(L)'
;MGSSHHHHHHSSGLVPRGSHMLEDPGEGQDIWDMLDKGNPFQFYLTRVSGVKPKYNSGALHIKDILSPLFGTLVSSAQFN
YCFDVDWLVKQYPPEFRKKPILLVHGDKREAKAHLHAQAKPYENISLCQAKLDIAFGTHHTKMMLLLYEEGLRVVIHTSN
LIHADWHQKTQGIWLSPLYPRIADGTHKSGESPTHFKANLISYLTAYNAPSLKEWIDVIHKHDLSETNVYLIGSTPGRFQ
GSQKDNWGHFRLKKLLKDHASSMPNAESWPVVGQFSSVGSLGADESKWLCSEFKESMLTLGKESKTPGKSSVPLYLIYPS
VENVRTSLEGYPAGGSLPYSIQTAEKQNWLHSYFHKWSAETSGRSNAMPHIKTYMRPSPDFSKIAWFLVTSANLSKAAWG
ALEKNGTQLMIRSYELGVLFLPSALGLDSFKVKQKFFAGSQEPMATFPVPYDLPPELYGSKDRPWIWNIPYVKAPDTHGN
MWVPS
;
A,B
#
loop_
_chem_comp.id
_chem_comp.type
_chem_comp.name
_chem_comp.formula
DA DNA linking 2'-DEOXYADENOSINE-5'-MONOPHOSPHATE 'C10 H14 N5 O6 P'
DG DNA linking 2'-DEOXYGUANOSINE-5'-MONOPHOSPHATE 'C10 H14 N5 O7 P'
DT DNA linking THYMIDINE-5'-MONOPHOSPHATE 'C10 H15 N2 O8 P'
OTR non-polymer 4-(2R-AMINO-1-HYDROXYETHYL)PHENOL 'C8 H11 N O2'
OTS non-polymer 4-(2S-AMINO-1-HYDROXYETHYL)PHENOL 'C8 H11 N O2'
SPM non-polymer SPERMINE 'C10 H26 N4'
VO4 non-polymer 'VANADATE ION' 'O4 V -3'
#
# COMPACT_ATOMS: atom_id res chain seq x y z
N ASN C 39 15.68 -3.81 -16.53
CA ASN C 39 16.30 -3.12 -15.36
C ASN C 39 15.24 -2.66 -14.37
N PRO C 40 15.09 -3.38 -13.27
CA PRO C 40 14.04 -3.09 -12.28
C PRO C 40 14.38 -1.89 -11.41
N PHE C 41 15.68 -1.58 -11.30
CA PHE C 41 16.15 -0.59 -10.34
C PHE C 41 16.17 0.84 -10.87
N GLN C 42 16.58 1.01 -12.13
CA GLN C 42 16.67 2.33 -12.76
C GLN C 42 17.53 3.27 -11.89
N PHE C 43 18.62 2.73 -11.39
CA PHE C 43 19.54 3.49 -10.58
C PHE C 43 20.78 3.69 -11.44
N TYR C 44 21.20 4.95 -11.57
CA TYR C 44 22.29 5.30 -12.47
C TYR C 44 23.31 6.21 -11.79
N LEU C 45 24.55 6.15 -12.21
CA LEU C 45 25.55 7.14 -11.85
C LEU C 45 25.63 8.23 -12.93
N THR C 46 26.14 9.40 -12.57
CA THR C 46 26.37 10.47 -13.57
C THR C 46 27.60 10.15 -14.40
N ARG C 47 27.70 10.70 -15.61
CA ARG C 47 28.92 10.57 -16.44
C ARG C 47 30.06 11.29 -15.74
N VAL C 48 31.25 10.70 -15.84
CA VAL C 48 32.45 11.36 -15.33
C VAL C 48 33.41 11.66 -16.48
N SER C 49 33.76 12.93 -16.66
CA SER C 49 34.79 13.29 -17.63
C SER C 49 36.12 12.70 -17.25
N GLY C 50 36.84 12.19 -18.25
CA GLY C 50 38.21 11.76 -18.05
C GLY C 50 38.39 10.36 -17.49
N VAL C 51 37.37 9.53 -17.56
CA VAL C 51 37.59 8.11 -17.30
C VAL C 51 37.33 7.36 -18.59
N LYS C 52 37.86 6.15 -18.71
CA LYS C 52 37.64 5.34 -19.91
C LYS C 52 36.13 5.28 -20.20
N PRO C 53 35.76 5.47 -21.46
CA PRO C 53 34.35 5.52 -21.84
C PRO C 53 33.54 4.29 -21.42
N LYS C 54 34.22 3.18 -21.22
CA LYS C 54 33.53 1.97 -20.78
C LYS C 54 32.85 2.20 -19.43
N TYR C 55 33.46 3.06 -18.61
CA TYR C 55 32.94 3.37 -17.28
C TYR C 55 31.79 4.39 -17.33
N ASN C 56 31.55 4.91 -18.53
CA ASN C 56 30.43 5.82 -18.72
C ASN C 56 29.30 5.19 -19.51
N SER C 57 29.42 3.88 -19.80
CA SER C 57 28.45 3.25 -20.72
C SER C 57 27.00 3.33 -20.23
N GLY C 58 26.74 2.91 -18.99
CA GLY C 58 25.41 3.08 -18.44
C GLY C 58 25.21 4.33 -17.58
N ALA C 59 26.02 5.36 -17.79
CA ALA C 59 25.99 6.54 -16.93
C ALA C 59 25.23 7.67 -17.62
N LEU C 60 24.68 8.60 -16.85
CA LEU C 60 23.88 9.67 -17.45
C LEU C 60 24.39 11.06 -17.11
N HIS C 61 24.42 11.94 -18.10
CA HIS C 61 24.65 13.36 -17.84
C HIS C 61 23.27 14.00 -17.82
N ILE C 62 23.16 15.16 -17.17
CA ILE C 62 21.87 15.87 -17.14
C ILE C 62 21.31 16.12 -18.55
N LYS C 63 22.19 16.30 -19.55
CA LYS C 63 21.74 16.49 -20.94
C LYS C 63 21.02 15.25 -21.50
N ASP C 64 21.50 14.07 -21.14
CA ASP C 64 20.83 12.82 -21.50
C ASP C 64 19.44 12.77 -20.87
N ILE C 65 19.34 13.16 -19.60
CA ILE C 65 18.07 13.18 -18.88
C ILE C 65 16.99 14.10 -19.48
N LEU C 66 17.42 15.24 -20.01
CA LEU C 66 16.48 16.24 -20.53
C LEU C 66 16.27 16.11 -22.03
N SER C 67 16.94 15.12 -22.62
CA SER C 67 16.95 14.92 -24.06
C SER C 67 15.56 14.52 -24.60
N PRO C 68 15.30 14.88 -25.85
CA PRO C 68 13.97 14.62 -26.46
C PRO C 68 13.61 13.13 -26.53
N LEU C 69 14.61 12.27 -26.50
CA LEU C 69 14.37 10.83 -26.46
C LEU C 69 13.69 10.37 -25.16
N PHE C 70 13.71 11.22 -24.13
CA PHE C 70 13.11 10.89 -22.83
C PHE C 70 11.65 11.36 -22.73
N GLY C 71 11.23 12.17 -23.70
CA GLY C 71 9.90 12.71 -23.73
C GLY C 71 9.89 14.09 -24.38
N THR C 72 8.71 14.51 -24.87
CA THR C 72 8.55 15.84 -25.45
C THR C 72 8.16 16.85 -24.39
N LEU C 73 9.13 17.64 -23.96
CA LEU C 73 8.99 18.45 -22.74
C LEU C 73 7.99 19.57 -22.91
N VAL C 74 7.29 19.87 -21.83
CA VAL C 74 6.23 20.86 -21.81
C VAL C 74 6.42 21.78 -20.60
N SER C 75 6.96 21.23 -19.53
CA SER C 75 7.17 22.00 -18.31
C SER C 75 8.05 21.20 -17.36
N SER C 76 8.81 21.88 -16.51
CA SER C 76 9.59 21.13 -15.53
C SER C 76 9.72 21.88 -14.23
N ALA C 77 9.97 21.14 -13.15
CA ALA C 77 10.32 21.73 -11.87
C ALA C 77 11.66 21.16 -11.43
N GLN C 78 12.55 22.05 -10.98
CA GLN C 78 13.89 21.64 -10.58
C GLN C 78 14.07 21.99 -9.12
N PHE C 79 14.07 20.97 -8.27
CA PHE C 79 14.28 21.14 -6.84
C PHE C 79 15.77 20.95 -6.60
N ASN C 80 16.37 21.91 -5.90
CA ASN C 80 17.77 21.73 -5.55
C ASN C 80 18.26 22.71 -4.50
N TYR C 81 19.56 22.66 -4.25
CA TYR C 81 20.18 23.44 -3.20
C TYR C 81 20.96 24.59 -3.85
N CYS C 82 21.85 24.25 -4.79
CA CYS C 82 22.61 25.27 -5.53
C CYS C 82 22.29 25.19 -7.00
N PHE C 83 22.25 26.37 -7.61
CA PHE C 83 21.84 26.52 -8.98
C PHE C 83 22.83 27.43 -9.70
N ASP C 84 23.24 27.01 -10.90
CA ASP C 84 23.84 27.93 -11.83
C ASP C 84 22.89 28.02 -12.99
N VAL C 85 22.04 29.04 -12.94
CA VAL C 85 20.94 29.17 -13.88
C VAL C 85 21.35 29.20 -15.34
N ASP C 86 22.42 29.93 -15.66
CA ASP C 86 22.88 30.00 -17.06
C ASP C 86 23.29 28.61 -17.53
N TRP C 87 24.07 27.91 -16.72
CA TRP C 87 24.49 26.54 -17.02
C TRP C 87 23.27 25.61 -17.18
N LEU C 88 22.30 25.75 -16.28
CA LEU C 88 21.15 24.83 -16.26
C LEU C 88 20.34 24.90 -17.55
N VAL C 89 20.02 26.12 -17.99
CA VAL C 89 19.20 26.32 -19.18
C VAL C 89 19.88 25.70 -20.40
N LYS C 90 21.21 25.76 -20.43
CA LYS C 90 21.99 25.14 -21.50
C LYS C 90 21.94 23.61 -21.49
N GLN C 91 21.62 23.02 -20.34
CA GLN C 91 21.51 21.58 -20.28
C GLN C 91 20.24 21.07 -20.97
N TYR C 92 19.25 21.95 -21.10
CA TYR C 92 18.02 21.60 -21.80
C TYR C 92 18.30 21.66 -23.32
N PRO C 93 17.72 20.76 -24.11
CA PRO C 93 17.92 20.83 -25.55
C PRO C 93 17.31 22.12 -26.06
N PRO C 94 17.96 22.75 -27.04
CA PRO C 94 17.54 24.03 -27.58
C PRO C 94 16.03 24.17 -27.77
N GLU C 95 15.40 23.15 -28.35
CA GLU C 95 13.95 23.15 -28.57
C GLU C 95 13.11 23.30 -27.29
N PHE C 96 13.65 22.85 -26.16
CA PHE C 96 12.90 22.87 -24.90
C PHE C 96 13.25 24.04 -24.00
N ARG C 97 14.22 24.85 -24.42
CA ARG C 97 14.82 25.86 -23.55
C ARG C 97 13.88 26.97 -23.13
N LYS C 98 12.76 27.10 -23.81
CA LYS C 98 11.83 28.19 -23.50
C LYS C 98 10.58 27.71 -22.78
N LYS C 99 10.50 26.40 -22.56
CA LYS C 99 9.43 25.83 -21.75
C LYS C 99 9.59 26.26 -20.29
N PRO C 100 8.46 26.42 -19.60
CA PRO C 100 8.49 26.93 -18.23
C PRO C 100 9.33 26.06 -17.31
N ILE C 101 10.12 26.70 -16.45
CA ILE C 101 10.89 26.02 -15.44
C ILE C 101 10.63 26.64 -14.08
N LEU C 102 10.32 25.80 -13.10
CA LEU C 102 10.22 26.27 -11.74
C LEU C 102 11.43 25.82 -10.92
N LEU C 103 12.15 26.79 -10.36
CA LEU C 103 13.30 26.50 -9.51
C LEU C 103 12.84 26.53 -8.06
N VAL C 104 12.91 25.38 -7.39
CA VAL C 104 12.54 25.31 -5.97
C VAL C 104 13.80 25.28 -5.13
N HIS C 105 13.98 26.32 -4.31
CA HIS C 105 15.22 26.55 -3.62
C HIS C 105 14.91 27.01 -2.20
N GLY C 106 15.95 27.18 -1.39
CA GLY C 106 15.77 27.60 -0.01
C GLY C 106 16.46 28.91 0.31
N ASP C 107 16.94 29.60 -0.73
CA ASP C 107 17.78 30.79 -0.55
C ASP C 107 17.03 31.94 0.09
N LYS C 108 17.76 32.73 0.90
CA LYS C 108 17.19 33.88 1.59
C LYS C 108 18.08 35.12 1.45
N ARG C 109 17.50 36.28 1.72
CA ARG C 109 18.23 37.55 1.72
C ARG C 109 19.04 37.80 0.45
N GLU C 110 20.35 37.97 0.60
CA GLU C 110 21.19 38.34 -0.53
C GLU C 110 21.31 37.19 -1.52
N ALA C 111 21.44 35.98 -1.00
CA ALA C 111 21.49 34.77 -1.83
C ALA C 111 20.25 34.64 -2.71
N LYS C 112 19.08 34.92 -2.13
CA LYS C 112 17.83 34.89 -2.88
C LYS C 112 17.85 35.94 -4.00
N ALA C 113 18.27 37.15 -3.67
CA ALA C 113 18.38 38.19 -4.69
C ALA C 113 19.26 37.73 -5.85
N HIS C 114 20.41 37.17 -5.54
CA HIS C 114 21.35 36.76 -6.59
C HIS C 114 20.71 35.72 -7.52
N LEU C 115 20.01 34.75 -6.94
CA LEU C 115 19.30 33.74 -7.72
C LEU C 115 18.24 34.36 -8.64
N HIS C 116 17.46 35.30 -8.09
CA HIS C 116 16.45 36.00 -8.88
C HIS C 116 17.10 36.75 -10.03
N ALA C 117 18.23 37.38 -9.75
CA ALA C 117 19.02 38.04 -10.78
C ALA C 117 19.53 37.07 -11.84
N GLN C 118 19.99 35.88 -11.43
CA GLN C 118 20.41 34.86 -12.40
C GLN C 118 19.25 34.52 -13.33
N ALA C 119 18.06 34.43 -12.75
CA ALA C 119 16.86 33.98 -13.48
C ALA C 119 16.19 35.06 -14.34
N LYS C 120 16.22 36.31 -13.89
CA LYS C 120 15.60 37.46 -14.60
C LYS C 120 15.61 37.42 -16.14
N PRO C 121 16.78 37.16 -16.75
CA PRO C 121 16.91 37.15 -18.21
C PRO C 121 16.04 36.10 -18.89
N TYR C 122 15.61 35.10 -18.14
CA TYR C 122 14.89 33.97 -18.70
C TYR C 122 13.43 34.09 -18.29
N GLU C 123 12.61 34.59 -19.20
CA GLU C 123 11.19 34.84 -18.93
C GLU C 123 10.41 33.59 -18.51
N ASN C 124 10.87 32.43 -18.96
CA ASN C 124 10.20 31.16 -18.71
C ASN C 124 10.48 30.55 -17.34
N ILE C 125 11.28 31.22 -16.51
CA ILE C 125 11.65 30.66 -15.20
C ILE C 125 10.92 31.32 -14.06
N SER C 126 10.32 30.52 -13.19
CA SER C 126 9.79 31.03 -11.92
C SER C 126 10.56 30.45 -10.74
N LEU C 127 10.45 31.09 -9.59
CA LEU C 127 11.12 30.59 -8.38
C LEU C 127 10.11 30.26 -7.30
N CYS C 128 10.41 29.23 -6.53
CA CYS C 128 9.63 28.91 -5.36
C CYS C 128 10.56 28.80 -4.17
N GLN C 129 10.44 29.74 -3.24
CA GLN C 129 11.30 29.73 -2.09
C GLN C 129 10.65 28.87 -1.05
N ALA C 130 11.30 27.75 -0.70
CA ALA C 130 10.84 26.83 0.32
C ALA C 130 11.05 27.44 1.68
N LYS C 131 10.03 27.38 2.52
CA LYS C 131 10.14 28.00 3.83
C LYS C 131 11.11 27.21 4.68
N LEU C 132 12.04 27.91 5.33
CA LEU C 132 12.97 27.27 6.21
C LEU C 132 12.92 27.96 7.57
N ASP C 133 11.97 27.55 8.39
CA ASP C 133 11.71 28.24 9.64
C ASP C 133 12.65 27.81 10.77
N ILE C 134 13.31 26.68 10.60
CA ILE C 134 14.24 26.24 11.64
C ILE C 134 15.67 26.62 11.29
N ALA C 135 16.45 26.99 12.28
CA ALA C 135 17.79 27.51 12.01
C ALA C 135 18.70 26.39 11.48
N PHE C 136 19.59 26.77 10.56
CA PHE C 136 20.56 25.84 9.97
C PHE C 136 19.91 24.81 9.05
N GLY C 137 18.65 25.03 8.68
CA GLY C 137 18.00 24.17 7.73
C GLY C 137 18.44 24.53 6.33
N THR C 138 18.40 23.56 5.42
CA THR C 138 18.63 23.85 4.01
C THR C 138 17.58 23.15 3.18
N HIS C 139 17.35 23.67 1.97
CA HIS C 139 16.53 22.97 1.03
C HIS C 139 17.41 22.10 0.16
N HIS C 140 17.66 20.89 0.64
CA HIS C 140 18.76 20.08 0.12
C HIS C 140 18.33 19.01 -0.88
N THR C 141 17.02 18.77 -0.95
CA THR C 141 16.41 17.89 -1.94
C THR C 141 16.83 18.13 -3.38
N LYS C 142 17.23 17.07 -4.08
CA LYS C 142 17.45 17.16 -5.51
C LYS C 142 16.46 16.31 -6.26
N MET C 143 15.55 16.97 -6.99
CA MET C 143 14.52 16.27 -7.74
C MET C 143 14.15 17.05 -9.02
N MET C 144 13.85 16.33 -10.10
CA MET C 144 13.25 16.94 -11.28
C MET C 144 11.83 16.39 -11.44
N LEU C 145 10.86 17.28 -11.68
CA LEU C 145 9.54 16.86 -12.16
C LEU C 145 9.48 17.26 -13.65
N LEU C 146 9.31 16.28 -14.52
CA LEU C 146 9.40 16.52 -15.96
C LEU C 146 8.08 16.19 -16.62
N LEU C 147 7.32 17.22 -16.98
CA LEU C 147 6.03 17.03 -17.63
C LEU C 147 6.18 17.05 -19.14
N TYR C 148 5.77 15.96 -19.79
CA TYR C 148 5.90 15.77 -21.22
C TYR C 148 4.53 15.69 -21.88
N GLU C 149 4.51 15.76 -23.20
CA GLU C 149 3.27 15.52 -23.95
C GLU C 149 2.78 14.09 -23.69
N GLU C 150 3.72 13.17 -23.54
CA GLU C 150 3.44 11.75 -23.44
C GLU C 150 3.20 11.26 -22.00
N GLY C 151 3.44 12.13 -21.02
CA GLY C 151 3.24 11.77 -19.63
C GLY C 151 4.11 12.57 -18.68
N LEU C 152 4.55 11.92 -17.60
CA LEU C 152 5.29 12.56 -16.54
C LEU C 152 6.46 11.67 -16.09
N ARG C 153 7.59 12.31 -15.80
CA ARG C 153 8.72 11.62 -15.20
C ARG C 153 9.20 12.33 -13.94
N VAL C 154 9.58 11.55 -12.93
CA VAL C 154 10.15 12.04 -11.70
C VAL C 154 11.59 11.55 -11.62
N VAL C 155 12.50 12.47 -11.33
CA VAL C 155 13.91 12.14 -11.22
C VAL C 155 14.38 12.52 -9.81
N ILE C 156 14.88 11.56 -9.05
CA ILE C 156 15.42 11.89 -7.74
C ILE C 156 16.91 11.58 -7.73
N HIS C 157 17.72 12.56 -7.33
CA HIS C 157 19.14 12.43 -7.52
C HIS C 157 19.96 13.16 -6.45
N THR C 158 21.26 13.30 -6.69
CA THR C 158 22.13 13.82 -5.63
C THR C 158 22.94 15.02 -6.07
N SER C 159 22.74 15.49 -7.30
CA SER C 159 23.62 16.49 -7.90
C SER C 159 23.07 17.91 -7.82
N ASN C 160 23.91 18.87 -7.42
CA ASN C 160 23.50 20.27 -7.53
C ASN C 160 23.45 20.67 -8.98
N LEU C 161 22.72 21.74 -9.27
CA LEU C 161 22.56 22.17 -10.64
C LEU C 161 23.66 23.17 -11.03
N ILE C 162 24.91 22.68 -11.00
CA ILE C 162 26.09 23.46 -11.33
C ILE C 162 27.04 22.52 -12.04
N HIS C 163 27.89 23.08 -12.90
CA HIS C 163 28.65 22.26 -13.83
C HIS C 163 29.50 21.24 -13.10
N ALA C 164 30.16 21.67 -12.03
CA ALA C 164 31.15 20.81 -11.38
C ALA C 164 30.53 19.58 -10.69
N ASP C 165 29.26 19.64 -10.32
CA ASP C 165 28.63 18.48 -9.68
C ASP C 165 28.39 17.35 -10.66
N TRP C 166 28.38 17.69 -11.96
CA TRP C 166 28.13 16.71 -13.02
C TRP C 166 29.37 16.41 -13.85
N HIS C 167 30.53 16.84 -13.40
CA HIS C 167 31.74 16.73 -14.20
C HIS C 167 32.60 15.53 -13.80
N GLN C 168 33.18 15.57 -12.60
CA GLN C 168 34.09 14.50 -12.16
C GLN C 168 33.78 13.95 -10.76
N LYS C 169 32.50 13.96 -10.39
CA LYS C 169 32.05 13.43 -9.10
C LYS C 169 31.28 12.14 -9.30
N THR C 170 31.28 11.29 -8.26
CA THR C 170 30.35 10.17 -8.25
C THR C 170 29.03 10.68 -7.70
N GLN C 171 27.99 10.62 -8.53
CA GLN C 171 26.64 11.05 -8.12
C GLN C 171 25.66 9.93 -8.52
N GLY C 172 24.51 9.89 -7.86
CA GLY C 172 23.48 8.90 -8.16
C GLY C 172 22.15 9.48 -8.63
N ILE C 173 21.45 8.71 -9.47
CA ILE C 173 20.21 9.14 -10.11
C ILE C 173 19.23 7.97 -10.02
N TRP C 174 17.98 8.24 -9.61
CA TRP C 174 16.92 7.26 -9.81
C TRP C 174 15.98 7.85 -10.82
N LEU C 175 15.67 7.08 -11.87
CA LEU C 175 14.77 7.54 -12.93
C LEU C 175 13.42 6.83 -12.82
N SER C 176 12.32 7.56 -12.67
CA SER C 176 11.01 6.91 -12.69
C SER C 176 10.75 6.40 -14.10
N PRO C 177 9.76 5.53 -14.27
CA PRO C 177 9.26 5.18 -15.60
C PRO C 177 8.50 6.37 -16.17
N LEU C 178 8.17 6.35 -17.46
CA LEU C 178 7.25 7.32 -18.04
C LEU C 178 5.84 7.03 -17.51
N TYR C 179 5.32 7.94 -16.69
CA TYR C 179 4.01 7.78 -16.09
C TYR C 179 2.97 8.32 -17.08
N PRO C 180 2.03 7.49 -17.50
CA PRO C 180 0.98 7.95 -18.42
C PRO C 180 -0.08 8.77 -17.72
N ARG C 181 -0.70 9.69 -18.45
CA ARG C 181 -1.89 10.40 -17.96
C ARG C 181 -3.04 9.42 -17.75
N ILE C 182 -3.79 9.60 -16.67
CA ILE C 182 -4.94 8.73 -16.41
C ILE C 182 -6.07 9.04 -17.41
N ALA C 183 -6.45 8.05 -18.21
CA ALA C 183 -7.50 8.20 -19.21
C ALA C 183 -8.59 9.11 -18.67
N ASP C 184 -8.72 10.30 -19.24
CA ASP C 184 -9.57 11.36 -18.67
C ASP C 184 -11.06 10.99 -18.52
N GLY C 185 -11.38 9.71 -18.72
CA GLY C 185 -12.73 9.24 -18.53
C GLY C 185 -12.85 8.01 -17.63
N THR C 186 -11.82 7.77 -16.83
CA THR C 186 -11.82 6.59 -15.95
C THR C 186 -11.46 6.91 -14.49
N HIS C 187 -11.86 6.00 -13.60
CA HIS C 187 -11.67 6.19 -12.17
C HIS C 187 -10.59 5.30 -11.62
N LYS C 188 -9.37 5.82 -11.53
CA LYS C 188 -8.30 5.09 -10.87
C LYS C 188 -7.42 6.01 -10.03
N SER C 189 -6.74 5.41 -9.05
CA SER C 189 -5.93 6.17 -8.13
C SER C 189 -4.58 6.54 -8.75
N GLY C 190 -4.11 5.69 -9.66
CA GLY C 190 -2.76 5.79 -10.20
C GLY C 190 -1.69 5.50 -9.16
N GLU C 191 -2.07 4.84 -8.06
CA GLU C 191 -1.19 4.62 -6.94
C GLU C 191 -0.39 3.33 -7.08
N SER C 192 0.79 3.29 -6.50
CA SER C 192 1.59 2.06 -6.52
C SER C 192 1.50 1.31 -5.21
N PRO C 193 1.85 0.04 -5.23
CA PRO C 193 1.95 -0.76 -4.01
C PRO C 193 2.85 -0.12 -2.96
N THR C 194 3.83 0.70 -3.36
CA THR C 194 4.71 1.36 -2.40
C THR C 194 4.15 2.70 -1.94
N HIS C 195 2.99 3.07 -2.47
CA HIS C 195 2.32 4.35 -2.13
C HIS C 195 3.12 5.57 -2.54
N PHE C 196 3.97 5.40 -3.54
CA PHE C 196 4.82 6.48 -4.02
C PHE C 196 4.02 7.75 -4.38
N LYS C 197 2.90 7.59 -5.07
CA LYS C 197 2.09 8.74 -5.47
C LYS C 197 1.60 9.58 -4.29
N ALA C 198 0.85 8.96 -3.39
CA ALA C 198 0.45 9.64 -2.15
C ALA C 198 1.62 10.22 -1.37
N ASN C 199 2.73 9.48 -1.29
CA ASN C 199 3.88 9.95 -0.52
C ASN C 199 4.56 11.20 -1.14
N LEU C 200 4.64 11.23 -2.47
CA LEU C 200 5.23 12.35 -3.18
C LEU C 200 4.33 13.56 -3.03
N ILE C 201 3.03 13.33 -3.05
CA ILE C 201 2.06 14.42 -2.82
C ILE C 201 2.15 15.03 -1.43
N SER C 202 2.23 14.18 -0.40
CA SER C 202 2.40 14.68 0.95
C SER C 202 3.72 15.43 1.07
N TYR C 203 4.79 14.91 0.44
CA TYR C 203 6.07 15.62 0.49
C TYR C 203 5.89 17.04 -0.05
N LEU C 204 5.32 17.17 -1.23
CA LEU C 204 5.13 18.48 -1.83
C LEU C 204 4.16 19.35 -1.01
N THR C 205 3.18 18.71 -0.39
CA THR C 205 2.18 19.44 0.38
C THR C 205 2.78 20.15 1.59
N ALA C 206 3.76 19.50 2.22
CA ALA C 206 4.45 20.11 3.34
C ALA C 206 5.06 21.49 3.01
N TYR C 207 5.32 21.76 1.74
CA TYR C 207 5.94 23.06 1.37
C TYR C 207 4.94 24.20 1.59
N ASN C 208 3.66 23.89 1.40
CA ASN C 208 2.61 24.88 1.51
C ASN C 208 2.79 25.99 0.49
N ALA C 209 3.19 25.62 -0.74
CA ALA C 209 3.56 26.58 -1.76
C ALA C 209 2.63 26.52 -2.96
N PRO C 210 2.05 27.67 -3.29
CA PRO C 210 1.10 27.77 -4.40
C PRO C 210 1.65 27.21 -5.71
N SER C 211 2.92 27.47 -6.02
CA SER C 211 3.48 26.96 -7.27
C SER C 211 3.55 25.42 -7.29
N LEU C 212 3.59 24.81 -6.12
CA LEU C 212 3.72 23.34 -6.09
C LEU C 212 2.36 22.64 -6.12
N LYS C 213 1.30 23.40 -5.79
CA LYS C 213 -0.05 22.86 -5.87
C LYS C 213 -0.34 22.46 -7.32
N GLU C 214 0.11 23.28 -8.25
CA GLU C 214 -0.02 22.97 -9.66
C GLU C 214 0.67 21.64 -9.98
N TRP C 215 1.86 21.45 -9.43
CA TRP C 215 2.58 20.22 -9.69
C TRP C 215 1.88 19.04 -9.01
N ILE C 216 1.33 19.28 -7.83
CA ILE C 216 0.51 18.31 -7.11
C ILE C 216 -0.70 17.88 -7.96
N ASP C 217 -1.40 18.85 -8.55
CA ASP C 217 -2.53 18.55 -9.45
C ASP C 217 -2.10 17.75 -10.68
N VAL C 218 -0.93 18.07 -11.23
CA VAL C 218 -0.36 17.32 -12.35
C VAL C 218 -0.13 15.85 -11.95
N ILE C 219 0.41 15.64 -10.75
CA ILE C 219 0.71 14.28 -10.29
C ILE C 219 -0.59 13.48 -10.07
N HIS C 220 -1.61 14.12 -9.51
CA HIS C 220 -2.94 13.51 -9.40
C HIS C 220 -3.44 12.96 -10.74
N LYS C 221 -3.09 13.63 -11.83
CA LYS C 221 -3.61 13.27 -13.16
C LYS C 221 -2.84 12.12 -13.77
N HIS C 222 -1.74 11.71 -13.13
CA HIS C 222 -0.94 10.65 -13.73
C HIS C 222 -0.99 9.34 -12.95
N ASP C 223 -0.65 8.29 -13.67
CA ASP C 223 -0.68 6.91 -13.19
C ASP C 223 0.72 6.52 -12.78
N LEU C 224 0.97 6.45 -11.47
CA LEU C 224 2.30 6.13 -10.97
C LEU C 224 2.35 4.71 -10.41
N SER C 225 1.40 3.87 -10.83
CA SER C 225 1.25 2.56 -10.21
C SER C 225 2.42 1.60 -10.47
N GLU C 226 3.23 1.88 -11.48
CA GLU C 226 4.34 0.99 -11.78
C GLU C 226 5.60 1.26 -10.94
N THR C 227 5.56 2.29 -10.09
CA THR C 227 6.69 2.62 -9.21
C THR C 227 7.02 1.52 -8.21
N ASN C 228 8.26 1.05 -8.22
CA ASN C 228 8.64 -0.02 -7.29
C ASN C 228 9.58 0.43 -6.16
N VAL C 229 9.70 1.74 -5.95
CA VAL C 229 10.52 2.23 -4.84
C VAL C 229 9.66 2.92 -3.81
N TYR C 230 10.18 3.04 -2.60
CA TYR C 230 9.55 3.83 -1.55
C TYR C 230 10.24 5.19 -1.44
N LEU C 231 9.44 6.23 -1.21
CA LEU C 231 9.94 7.58 -1.02
C LEU C 231 10.25 7.82 0.45
N ILE C 232 11.45 8.30 0.73
CA ILE C 232 11.83 8.70 2.08
C ILE C 232 12.17 10.18 2.07
N GLY C 233 11.36 10.99 2.75
CA GLY C 233 11.57 12.43 2.77
C GLY C 233 11.92 13.01 4.11
N SER C 234 12.56 14.18 4.06
CA SER C 234 12.73 14.99 5.25
C SER C 234 12.11 16.34 4.97
N THR C 235 11.51 16.92 6.00
CA THR C 235 10.86 18.20 5.85
C THR C 235 11.02 18.91 7.19
N PRO C 236 11.19 20.23 7.17
CA PRO C 236 11.52 20.97 8.40
C PRO C 236 10.33 20.97 9.33
N GLY C 237 10.55 20.63 10.59
CA GLY C 237 9.49 20.67 11.58
C GLY C 237 9.85 19.97 12.87
N ARG C 238 8.90 19.99 13.80
CA ARG C 238 9.00 19.24 15.04
C ARG C 238 7.78 18.33 15.11
N PHE C 239 8.02 17.02 15.03
CA PHE C 239 6.94 16.07 14.75
C PHE C 239 6.56 15.24 15.98
N GLN C 240 5.26 15.10 16.19
CA GLN C 240 4.75 14.48 17.40
C GLN C 240 3.89 13.26 17.11
N GLY C 241 3.96 12.28 18.01
CA GLY C 241 3.13 11.10 17.93
C GLY C 241 3.26 10.37 16.61
N SER C 242 2.14 10.18 15.93
CA SER C 242 2.12 9.42 14.69
C SER C 242 2.86 10.15 13.57
N GLN C 243 3.02 11.46 13.74
CA GLN C 243 3.70 12.30 12.77
C GLN C 243 5.20 12.05 12.71
N LYS C 244 5.74 11.44 13.77
CA LYS C 244 7.16 11.07 13.81
C LYS C 244 7.52 10.11 12.68
N ASP C 245 6.59 9.23 12.35
CA ASP C 245 6.77 8.19 11.34
C ASP C 245 6.91 8.71 9.92
N ASN C 246 6.55 9.98 9.71
CA ASN C 246 6.36 10.53 8.37
C ASN C 246 7.65 10.92 7.63
N TRP C 247 8.69 11.29 8.37
CA TRP C 247 9.90 11.89 7.81
C TRP C 247 11.18 11.40 8.47
N GLY C 248 12.29 11.56 7.75
CA GLY C 248 13.60 11.35 8.33
C GLY C 248 13.89 9.91 8.70
N HIS C 249 14.76 9.70 9.67
CA HIS C 249 15.11 8.33 9.99
C HIS C 249 13.95 7.52 10.58
N PHE C 250 12.96 8.19 11.15
CA PHE C 250 11.79 7.48 11.67
C PHE C 250 10.94 6.92 10.55
N ARG C 251 10.85 7.64 9.44
CA ARG C 251 10.19 7.12 8.26
C ARG C 251 10.92 5.86 7.78
N LEU C 252 12.24 5.92 7.69
CA LEU C 252 12.97 4.75 7.24
C LEU C 252 12.68 3.56 8.18
N LYS C 253 12.72 3.81 9.48
CA LYS C 253 12.46 2.79 10.49
C LYS C 253 11.09 2.15 10.28
N LYS C 254 10.08 2.99 10.08
CA LYS C 254 8.74 2.52 9.78
C LYS C 254 8.67 1.60 8.56
N LEU C 255 9.34 1.98 7.48
CA LEU C 255 9.30 1.15 6.28
C LEU C 255 10.05 -0.18 6.45
N LEU C 256 11.19 -0.15 7.13
CA LEU C 256 11.96 -1.38 7.39
C LEU C 256 11.19 -2.33 8.31
N LYS C 257 10.42 -1.78 9.23
CA LYS C 257 9.58 -2.59 10.11
C LYS C 257 8.46 -3.25 9.31
N ASP C 258 7.84 -2.50 8.42
CA ASP C 258 6.64 -3.01 7.73
C ASP C 258 6.91 -3.84 6.47
N HIS C 259 8.05 -3.62 5.82
CA HIS C 259 8.28 -4.20 4.50
C HIS C 259 9.60 -4.94 4.34
N ALA C 260 10.26 -5.18 5.46
CA ALA C 260 11.43 -6.03 5.48
C ALA C 260 11.21 -7.12 6.52
N SER C 261 11.85 -8.27 6.37
CA SER C 261 11.83 -9.27 7.46
C SER C 261 13.24 -9.56 7.98
N SER C 262 13.32 -9.98 9.25
CA SER C 262 14.61 -10.21 9.90
C SER C 262 15.09 -11.65 9.76
N MET C 263 16.40 -11.84 9.70
CA MET C 263 17.00 -13.15 9.46
C MET C 263 18.05 -13.57 10.51
N SER C 268 24.19 -9.16 12.95
CA SER C 268 25.47 -9.38 12.27
C SER C 268 25.51 -8.95 10.78
N TRP C 269 24.37 -8.60 10.21
CA TRP C 269 24.38 -7.88 8.93
C TRP C 269 24.73 -6.43 9.24
N PRO C 270 25.86 -5.97 8.73
CA PRO C 270 26.31 -4.58 8.97
C PRO C 270 25.38 -3.55 8.36
N VAL C 271 25.50 -2.30 8.82
CA VAL C 271 24.84 -1.13 8.26
C VAL C 271 25.95 -0.33 7.59
N VAL C 272 25.74 0.10 6.36
CA VAL C 272 26.71 0.96 5.68
C VAL C 272 26.10 2.34 5.40
N GLY C 273 26.87 3.39 5.71
CA GLY C 273 26.46 4.77 5.51
C GLY C 273 27.53 5.49 4.73
N GLN C 274 27.12 6.28 3.73
CA GLN C 274 28.04 6.86 2.78
C GLN C 274 27.50 8.25 2.37
N PHE C 275 28.33 9.30 2.53
CA PHE C 275 27.82 10.69 2.49
C PHE C 275 28.97 11.67 2.25
N SER C 276 28.63 12.95 2.06
CA SER C 276 29.66 13.91 1.68
C SER C 276 29.69 15.10 2.64
N SER C 277 28.78 15.10 3.60
CA SER C 277 28.71 16.13 4.62
C SER C 277 28.43 15.50 5.97
N VAL C 278 29.03 16.06 7.03
CA VAL C 278 28.96 15.48 8.37
C VAL C 278 28.54 16.53 9.39
N GLY C 279 27.37 16.34 9.99
CA GLY C 279 26.87 17.25 10.99
C GLY C 279 27.57 17.06 12.33
N SER C 280 27.17 17.88 13.30
CA SER C 280 27.66 17.75 14.68
C SER C 280 26.82 16.68 15.37
N LEU C 281 27.42 15.54 15.70
CA LEU C 281 26.62 14.39 16.16
C LEU C 281 26.59 14.18 17.67
N GLY C 282 27.38 14.98 18.40
CA GLY C 282 27.40 14.88 19.84
C GLY C 282 28.73 14.44 20.39
N ALA C 283 28.85 14.50 21.72
CA ALA C 283 30.11 14.28 22.43
C ALA C 283 30.57 12.83 22.38
N ASP C 284 29.66 11.91 22.06
CA ASP C 284 30.01 10.50 21.88
C ASP C 284 28.96 9.73 21.06
N GLU C 285 29.30 8.50 20.68
CA GLU C 285 28.44 7.67 19.83
C GLU C 285 27.02 7.48 20.34
N SER C 286 26.81 7.66 21.64
CA SER C 286 25.51 7.32 22.25
C SER C 286 24.50 8.46 22.28
N LYS C 287 24.93 9.67 21.94
CA LYS C 287 24.01 10.80 21.89
C LYS C 287 23.01 10.71 20.73
N TRP C 288 23.43 10.09 19.63
CA TRP C 288 22.63 10.04 18.41
C TRP C 288 23.03 8.92 17.43
N LEU C 289 24.30 8.87 17.06
CA LEU C 289 24.75 7.94 16.03
C LEU C 289 24.31 6.52 16.29
N CYS C 290 24.74 5.98 17.43
CA CYS C 290 24.44 4.59 17.76
C CYS C 290 23.07 4.42 18.43
N SER C 291 22.55 5.50 19.01
CA SER C 291 21.28 5.39 19.71
C SER C 291 20.09 5.43 18.78
N GLU C 292 19.66 6.61 18.33
CA GLU C 292 18.45 6.68 17.52
C GLU C 292 18.71 6.41 16.02
N PHE C 293 19.79 6.95 15.48
CA PHE C 293 20.12 6.76 14.08
C PHE C 293 20.32 5.29 13.73
N LYS C 294 21.34 4.68 14.32
CA LYS C 294 21.61 3.26 14.07
C LYS C 294 20.38 2.39 14.33
N GLU C 295 19.63 2.72 15.37
CA GLU C 295 18.45 1.93 15.73
C GLU C 295 17.47 1.87 14.58
N SER C 296 17.27 2.98 13.89
CA SER C 296 16.39 2.97 12.72
C SER C 296 16.97 2.10 11.61
N MET C 297 18.27 2.28 11.35
CA MET C 297 18.91 1.61 10.22
C MET C 297 19.02 0.10 10.38
N LEU C 298 19.10 -0.36 11.62
CA LEU C 298 19.19 -1.79 11.88
C LEU C 298 17.81 -2.45 12.11
N THR C 299 16.74 -1.68 11.94
CA THR C 299 15.39 -2.22 12.01
C THR C 299 15.12 -3.15 10.84
N LEU C 300 14.43 -4.26 11.10
CA LEU C 300 14.16 -5.27 10.08
C LEU C 300 12.96 -6.12 10.49
N GLY C 301 11.86 -6.00 9.76
CA GLY C 301 10.65 -6.74 10.12
C GLY C 301 9.95 -6.22 11.36
N VAL C 312 26.08 -4.94 16.12
CA VAL C 312 25.89 -4.68 14.70
C VAL C 312 26.92 -3.66 14.24
N PRO C 313 27.78 -4.08 13.30
CA PRO C 313 28.86 -3.24 12.79
C PRO C 313 28.34 -2.10 11.92
N LEU C 314 28.95 -0.93 12.09
CA LEU C 314 28.56 0.25 11.33
C LEU C 314 29.76 0.69 10.51
N TYR C 315 29.62 0.66 9.18
CA TYR C 315 30.65 1.20 8.28
C TYR C 315 30.21 2.55 7.72
N LEU C 316 31.00 3.59 7.97
CA LEU C 316 30.78 4.90 7.38
C LEU C 316 31.88 5.20 6.35
N ILE C 317 31.45 5.59 5.15
CA ILE C 317 32.36 5.86 4.05
C ILE C 317 32.37 7.35 3.78
N TYR C 318 33.55 7.95 3.88
CA TYR C 318 33.76 9.39 3.75
C TYR C 318 35.21 9.61 3.30
N PRO C 319 35.43 10.37 2.21
CA PRO C 319 36.78 10.53 1.66
C PRO C 319 37.82 11.00 2.69
N SER C 320 38.98 10.34 2.65
CA SER C 320 40.14 10.76 3.41
C SER C 320 40.81 11.94 2.67
N VAL C 321 41.75 12.61 3.32
CA VAL C 321 42.49 13.67 2.67
C VAL C 321 43.22 13.10 1.45
N GLU C 322 43.80 11.92 1.62
CA GLU C 322 44.49 11.24 0.54
C GLU C 322 43.56 10.92 -0.66
N ASN C 323 42.33 10.46 -0.39
CA ASN C 323 41.37 10.24 -1.49
C ASN C 323 41.15 11.54 -2.28
N VAL C 324 40.94 12.63 -1.57
CA VAL C 324 40.71 13.93 -2.20
C VAL C 324 41.94 14.43 -2.95
N ARG C 325 43.10 14.35 -2.31
CA ARG C 325 44.33 14.87 -2.91
C ARG C 325 44.61 14.25 -4.27
N THR C 326 44.37 12.95 -4.38
CA THR C 326 44.73 12.23 -5.60
C THR C 326 43.54 12.05 -6.54
N SER C 327 42.45 12.77 -6.29
CA SER C 327 41.25 12.68 -7.13
C SER C 327 41.42 13.33 -8.50
N LEU C 328 40.46 13.11 -9.38
CA LEU C 328 40.44 13.79 -10.66
C LEU C 328 40.38 15.31 -10.51
N GLU C 329 39.72 15.78 -9.45
CA GLU C 329 39.62 17.22 -9.21
C GLU C 329 40.81 17.76 -8.41
N GLY C 330 41.44 16.89 -7.65
CA GLY C 330 42.37 17.30 -6.62
C GLY C 330 41.63 17.89 -5.43
N TYR C 331 42.33 18.77 -4.71
CA TYR C 331 41.80 19.39 -3.49
C TYR C 331 40.45 20.12 -3.64
N PRO C 332 40.21 20.80 -4.76
CA PRO C 332 38.92 21.47 -4.98
C PRO C 332 37.71 20.52 -4.95
N ALA C 333 37.94 19.21 -4.99
CA ALA C 333 36.85 18.27 -4.74
C ALA C 333 36.35 18.52 -3.32
N GLY C 334 37.28 18.95 -2.45
CA GLY C 334 36.98 19.22 -1.06
C GLY C 334 36.01 20.38 -0.82
N GLY C 335 35.79 21.20 -1.84
CA GLY C 335 34.82 22.26 -1.72
C GLY C 335 33.41 21.70 -1.58
N SER C 336 33.23 20.44 -1.98
CA SER C 336 31.92 19.80 -1.92
C SER C 336 31.84 18.72 -0.82
N LEU C 337 32.87 18.73 0.03
CA LEU C 337 32.94 17.91 1.22
C LEU C 337 33.14 18.81 2.46
N PRO C 338 32.09 19.53 2.82
CA PRO C 338 32.20 20.65 3.74
C PRO C 338 32.23 20.25 5.21
N TYR C 339 33.09 19.32 5.57
CA TYR C 339 33.27 18.93 6.96
C TYR C 339 34.26 19.93 7.53
N SER C 340 33.82 20.64 8.55
CA SER C 340 34.59 21.76 9.08
C SER C 340 35.33 21.33 10.35
N ILE C 341 36.52 21.91 10.56
CA ILE C 341 37.32 21.61 11.74
C ILE C 341 36.54 21.85 13.03
N GLN C 342 35.65 22.85 13.03
CA GLN C 342 34.85 23.17 14.20
C GLN C 342 33.97 22.01 14.62
N THR C 343 33.40 21.32 13.63
CA THR C 343 32.59 20.13 13.90
C THR C 343 33.47 18.94 14.27
N ALA C 344 34.50 18.70 13.45
CA ALA C 344 35.35 17.54 13.62
C ALA C 344 36.05 17.48 14.99
N GLU C 345 36.47 18.64 15.51
CA GLU C 345 37.27 18.63 16.72
C GLU C 345 36.40 18.27 17.93
N LYS C 346 35.09 18.48 17.78
CA LYS C 346 34.12 18.18 18.82
C LYS C 346 33.81 16.69 18.91
N GLN C 347 34.26 15.93 17.92
CA GLN C 347 33.78 14.56 17.77
C GLN C 347 34.79 13.63 17.10
N ASN C 348 36.04 13.70 17.55
CA ASN C 348 37.05 12.80 17.03
C ASN C 348 36.67 11.32 17.19
N TRP C 349 35.70 11.04 18.05
CA TRP C 349 35.29 9.65 18.27
C TRP C 349 34.73 9.03 16.98
N LEU C 350 34.04 9.85 16.20
CA LEU C 350 33.36 9.39 14.99
C LEU C 350 34.34 8.76 13.99
N HIS C 351 35.56 9.29 13.93
CA HIS C 351 36.49 8.96 12.84
C HIS C 351 37.05 7.55 12.84
N SER C 352 36.88 6.82 13.93
CA SER C 352 37.28 5.43 13.91
C SER C 352 36.26 4.58 13.15
N TYR C 353 35.12 5.19 12.80
CA TYR C 353 34.13 4.50 11.96
C TYR C 353 34.37 4.74 10.47
N PHE C 354 35.31 5.61 10.14
CA PHE C 354 35.43 6.05 8.78
C PHE C 354 36.19 5.07 7.90
N HIS C 355 35.74 4.97 6.66
CA HIS C 355 36.36 4.12 5.68
C HIS C 355 36.57 4.96 4.43
N LYS C 356 37.61 4.62 3.69
CA LYS C 356 38.00 5.31 2.47
C LYS C 356 37.00 5.17 1.34
N TRP C 357 37.01 6.14 0.44
CA TRP C 357 36.28 6.05 -0.80
C TRP C 357 37.07 5.16 -1.75
N SER C 358 36.44 4.08 -2.20
CA SER C 358 37.03 3.16 -3.14
C SER C 358 35.93 2.65 -4.05
N ALA C 359 36.12 2.78 -5.37
CA ALA C 359 35.05 2.46 -6.33
C ALA C 359 35.59 1.88 -7.62
N GLU C 360 36.56 0.98 -7.49
CA GLU C 360 37.13 0.29 -8.64
C GLU C 360 36.03 -0.40 -9.46
N THR C 361 35.03 -0.94 -8.78
CA THR C 361 33.93 -1.59 -9.47
C THR C 361 33.26 -0.67 -10.49
N SER C 362 33.22 0.63 -10.23
CA SER C 362 32.62 1.55 -11.20
C SER C 362 33.64 2.49 -11.85
N GLY C 363 34.93 2.22 -11.65
CA GLY C 363 35.98 3.05 -12.22
C GLY C 363 35.98 4.48 -11.68
N ARG C 364 35.60 4.62 -10.41
CA ARG C 364 35.37 5.95 -9.85
C ARG C 364 36.08 6.21 -8.52
N SER C 365 37.13 5.46 -8.20
CA SER C 365 37.82 5.74 -6.96
C SER C 365 38.39 7.16 -6.98
N ASN C 366 38.59 7.72 -8.17
CA ASN C 366 39.17 9.06 -8.27
C ASN C 366 38.08 10.14 -8.49
N ALA C 367 36.82 9.70 -8.55
CA ALA C 367 35.71 10.62 -8.71
C ALA C 367 35.03 10.78 -7.36
N MET C 368 35.33 11.87 -6.65
CA MET C 368 34.89 12.00 -5.27
C MET C 368 33.36 11.93 -5.17
N PRO C 369 32.90 11.27 -4.13
CA PRO C 369 31.45 11.09 -3.92
C PRO C 369 30.70 12.36 -3.50
N HIS C 370 29.64 12.68 -4.23
CA HIS C 370 28.64 13.61 -3.73
C HIS C 370 27.31 12.84 -3.58
N ILE C 371 27.29 11.60 -4.07
CA ILE C 371 26.18 10.68 -3.81
C ILE C 371 26.11 10.40 -2.30
N LYS C 372 24.92 10.06 -1.79
CA LYS C 372 24.75 9.57 -0.42
C LYS C 372 23.93 8.30 -0.56
N THR C 373 24.36 7.24 0.12
CA THR C 373 23.69 5.96 0.07
C THR C 373 23.75 5.34 1.46
N TYR C 374 22.77 4.50 1.75
CA TYR C 374 22.76 3.74 2.99
C TYR C 374 22.26 2.36 2.61
N MET C 375 22.79 1.33 3.26
CA MET C 375 22.41 -0.03 2.90
C MET C 375 22.73 -1.06 3.98
N ARG C 376 22.28 -2.30 3.78
CA ARG C 376 22.31 -3.32 4.81
C ARG C 376 22.81 -4.62 4.22
N PRO C 377 24.12 -4.74 4.06
CA PRO C 377 24.71 -5.92 3.43
C PRO C 377 24.77 -7.10 4.39
N SER C 378 24.78 -8.30 3.82
CA SER C 378 25.03 -9.52 4.58
C SER C 378 26.46 -9.48 5.13
N PRO C 379 26.78 -10.39 6.05
CA PRO C 379 28.10 -10.38 6.71
C PRO C 379 29.27 -10.54 5.73
N ASP C 380 29.04 -11.20 4.61
CA ASP C 380 30.09 -11.30 3.59
C ASP C 380 29.92 -10.28 2.46
N PHE C 381 29.00 -9.34 2.63
CA PHE C 381 28.78 -8.28 1.63
C PHE C 381 28.37 -8.79 0.23
N SER C 382 27.92 -10.03 0.13
CA SER C 382 27.49 -10.61 -1.16
C SER C 382 26.05 -10.25 -1.49
N LYS C 383 25.28 -9.90 -0.48
CA LYS C 383 23.92 -9.46 -0.78
C LYS C 383 23.51 -8.34 0.18
N ILE C 384 22.37 -7.70 -0.10
CA ILE C 384 21.84 -6.63 0.77
C ILE C 384 20.35 -6.77 1.12
N ALA C 385 19.96 -6.34 2.32
CA ALA C 385 18.55 -6.40 2.68
C ALA C 385 17.79 -5.20 2.09
N TRP C 386 18.52 -4.14 1.76
CA TRP C 386 17.92 -2.95 1.16
C TRP C 386 18.98 -1.94 0.74
N PHE C 387 18.57 -0.97 -0.05
CA PHE C 387 19.48 0.08 -0.47
C PHE C 387 18.71 1.38 -0.58
N LEU C 388 19.37 2.47 -0.18
CA LEU C 388 18.78 3.79 -0.21
C LEU C 388 19.73 4.78 -0.87
N VAL C 389 19.27 5.48 -1.90
CA VAL C 389 20.01 6.61 -2.44
C VAL C 389 19.21 7.84 -2.07
N THR C 390 19.86 8.91 -1.59
CA THR C 390 19.12 10.04 -1.07
C THR C 390 20.02 11.25 -1.10
N SER C 391 19.45 12.41 -0.82
CA SER C 391 20.24 13.61 -0.65
C SER C 391 20.71 13.80 0.80
N ALA C 392 20.15 13.01 1.71
CA ALA C 392 20.48 13.10 3.14
C ALA C 392 21.91 12.68 3.50
N ASN C 393 22.71 13.65 3.91
CA ASN C 393 24.04 13.41 4.44
C ASN C 393 23.98 12.93 5.90
N LEU C 394 25.13 12.76 6.56
CA LEU C 394 25.14 12.31 7.94
C LEU C 394 25.05 13.46 8.93
N SER C 395 23.84 13.96 9.14
CA SER C 395 23.60 15.03 10.12
C SER C 395 22.24 14.86 10.78
N LYS C 396 22.08 15.48 11.95
CA LYS C 396 20.78 15.51 12.60
C LYS C 396 19.85 16.38 11.80
N ALA C 397 20.41 17.45 11.23
CA ALA C 397 19.66 18.37 10.37
C ALA C 397 18.86 17.66 9.27
N ALA C 398 19.50 16.68 8.64
CA ALA C 398 18.91 15.92 7.53
C ALA C 398 18.02 14.76 7.99
N TRP C 399 18.43 14.08 9.05
CA TRP C 399 17.79 12.82 9.41
C TRP C 399 16.76 12.92 10.54
N GLY C 400 16.90 13.94 11.38
CA GLY C 400 16.00 14.13 12.50
C GLY C 400 16.69 13.81 13.82
N ALA C 401 16.33 14.53 14.87
CA ALA C 401 16.89 14.26 16.19
C ALA C 401 15.81 14.38 17.26
N LEU C 402 15.78 13.42 18.17
CA LEU C 402 14.71 13.37 19.16
C LEU C 402 14.85 14.48 20.20
N GLU C 403 13.74 15.14 20.50
CA GLU C 403 13.67 16.19 21.51
C GLU C 403 12.63 15.85 22.58
N LYS C 404 12.58 16.67 23.65
CA LYS C 404 11.56 16.53 24.69
C LYS C 404 11.36 15.09 25.15
N ASN C 405 12.41 14.52 25.75
CA ASN C 405 12.37 13.13 26.23
C ASN C 405 11.86 12.12 25.20
N GLY C 406 12.12 12.38 23.92
CA GLY C 406 11.82 11.44 22.87
C GLY C 406 10.39 11.40 22.34
N THR C 407 9.65 12.50 22.51
CA THR C 407 8.26 12.56 22.03
C THR C 407 8.14 13.46 20.80
N GLN C 408 9.24 14.13 20.47
CA GLN C 408 9.28 15.06 19.35
C GLN C 408 10.49 14.75 18.47
N LEU C 409 10.24 14.64 17.16
CA LEU C 409 11.33 14.50 16.19
C LEU C 409 11.58 15.84 15.52
N MET C 410 12.80 16.35 15.67
CA MET C 410 13.15 17.64 15.08
C MET C 410 14.01 17.49 13.83
N ILE C 411 13.48 17.93 12.69
CA ILE C 411 14.21 17.95 11.44
C ILE C 411 14.36 19.39 10.96
N ARG C 412 15.53 19.73 10.46
CA ARG C 412 15.82 21.08 10.02
C ARG C 412 15.62 21.33 8.52
N SER C 413 15.66 20.28 7.72
CA SER C 413 15.91 20.43 6.28
C SER C 413 14.95 19.65 5.39
N TYR C 414 14.90 20.02 4.11
CA TYR C 414 14.25 19.19 3.09
C TYR C 414 15.28 18.22 2.54
N GLU C 415 14.92 16.94 2.47
CA GLU C 415 15.78 15.87 1.93
C GLU C 415 14.86 14.88 1.23
N LEU C 416 15.39 14.14 0.26
CA LEU C 416 14.54 13.18 -0.46
C LEU C 416 15.35 12.04 -1.03
N GLY C 417 14.88 10.83 -0.82
CA GLY C 417 15.56 9.64 -1.30
C GLY C 417 14.59 8.53 -1.67
N VAL C 418 15.09 7.52 -2.37
CA VAL C 418 14.29 6.37 -2.77
C VAL C 418 14.90 5.11 -2.16
N LEU C 419 14.03 4.26 -1.62
CA LEU C 419 14.47 3.08 -0.92
C LEU C 419 14.10 1.86 -1.74
N PHE C 420 15.11 1.05 -2.07
CA PHE C 420 14.90 -0.18 -2.83
C PHE C 420 14.75 -1.32 -1.83
N LEU C 421 13.58 -1.94 -1.79
CA LEU C 421 13.29 -3.05 -0.89
C LEU C 421 12.98 -4.26 -1.75
N PRO C 422 13.66 -5.37 -1.48
CA PRO C 422 13.46 -6.59 -2.26
C PRO C 422 12.00 -7.06 -2.25
N SER C 423 11.26 -6.80 -1.16
CA SER C 423 9.86 -7.18 -1.12
C SER C 423 9.05 -6.49 -2.23
N ALA C 424 9.44 -5.27 -2.56
CA ALA C 424 8.73 -4.55 -3.61
C ALA C 424 8.93 -5.22 -4.97
N LEU C 425 9.87 -6.16 -5.05
CA LEU C 425 10.16 -6.88 -6.30
C LEU C 425 9.82 -8.37 -6.18
N GLY C 426 9.39 -8.77 -4.99
CA GLY C 426 9.00 -10.16 -4.76
C GLY C 426 10.13 -10.99 -4.22
N LEU C 427 11.18 -10.32 -3.72
CA LEU C 427 12.38 -11.00 -3.21
C LEU C 427 12.60 -10.80 -1.71
N ASP C 428 13.60 -11.51 -1.19
CA ASP C 428 13.99 -11.40 0.22
C ASP C 428 15.27 -10.58 0.37
N SER C 429 16.04 -10.50 -0.71
CA SER C 429 17.30 -9.78 -0.67
C SER C 429 17.76 -9.55 -2.10
N PHE C 430 18.72 -8.65 -2.28
CA PHE C 430 19.30 -8.44 -3.60
C PHE C 430 20.73 -8.99 -3.59
N LYS C 431 21.11 -9.69 -4.64
CA LYS C 431 22.51 -10.04 -4.79
C LYS C 431 23.25 -8.78 -5.22
N VAL C 432 24.45 -8.57 -4.69
CA VAL C 432 25.24 -7.41 -5.07
C VAL C 432 25.90 -7.63 -6.42
N LYS C 433 25.71 -6.70 -7.34
CA LYS C 433 26.46 -6.74 -8.58
C LYS C 433 27.92 -6.41 -8.25
N GLN C 434 28.80 -7.37 -8.52
CA GLN C 434 30.20 -7.24 -8.06
C GLN C 434 30.99 -6.29 -8.96
N LYS C 435 30.54 -6.14 -10.20
CA LYS C 435 31.16 -5.24 -11.16
C LYS C 435 30.11 -4.33 -11.82
N PHE C 436 30.12 -3.06 -11.47
CA PHE C 436 29.11 -2.11 -11.94
C PHE C 436 28.84 -2.22 -13.43
N ALA C 445 17.90 -8.47 -11.03
CA ALA C 445 18.06 -9.41 -9.91
C ALA C 445 19.13 -8.95 -8.93
N THR C 446 20.16 -8.29 -9.44
CA THR C 446 21.31 -7.96 -8.62
C THR C 446 21.53 -6.45 -8.60
N PHE C 447 21.74 -5.90 -7.42
CA PHE C 447 21.80 -4.45 -7.27
C PHE C 447 23.18 -3.86 -7.56
N PRO C 448 23.21 -2.80 -8.37
CA PRO C 448 24.48 -2.13 -8.72
C PRO C 448 25.03 -1.22 -7.63
N VAL C 449 25.66 -1.81 -6.62
CA VAL C 449 26.39 -1.04 -5.62
C VAL C 449 27.55 -0.34 -6.28
N PRO C 450 27.55 0.99 -6.22
CA PRO C 450 28.51 1.79 -7.00
C PRO C 450 29.94 1.93 -6.43
N TYR C 451 30.19 1.47 -5.21
CA TYR C 451 31.53 1.48 -4.67
C TYR C 451 31.90 0.08 -4.20
N ASP C 452 33.17 -0.10 -3.84
CA ASP C 452 33.72 -1.42 -3.51
C ASP C 452 33.32 -1.93 -2.12
N LEU C 453 33.16 -3.24 -2.02
CA LEU C 453 32.94 -3.89 -0.74
C LEU C 453 34.00 -4.99 -0.51
N PRO C 454 34.35 -5.23 0.75
CA PRO C 454 33.83 -4.45 1.88
C PRO C 454 34.53 -3.11 1.91
N PRO C 455 34.03 -2.14 2.66
CA PRO C 455 34.69 -0.82 2.73
C PRO C 455 36.03 -0.95 3.46
N GLU C 456 37.06 -0.21 3.02
CA GLU C 456 38.38 -0.26 3.65
C GLU C 456 38.55 0.79 4.75
N LEU C 457 38.93 0.35 5.94
CA LEU C 457 39.17 1.22 7.08
C LEU C 457 40.26 2.25 6.78
N TYR C 458 40.18 3.43 7.38
CA TYR C 458 41.28 4.41 7.29
C TYR C 458 42.59 3.78 7.80
N GLY C 459 43.69 4.04 7.07
CA GLY C 459 45.01 3.75 7.60
C GLY C 459 45.31 4.62 8.81
N SER C 460 46.31 4.25 9.58
CA SER C 460 46.64 4.97 10.80
C SER C 460 47.07 6.41 10.52
N LYS C 461 47.62 6.66 9.33
CA LYS C 461 47.97 8.05 8.96
C LYS C 461 46.93 8.80 8.08
N ASP C 462 45.71 8.24 7.97
CA ASP C 462 44.65 8.86 7.19
C ASP C 462 43.87 9.83 8.05
N ARG C 463 43.34 10.87 7.42
CA ARG C 463 42.50 11.84 8.11
C ARG C 463 41.26 12.03 7.28
N PRO C 464 40.13 12.32 7.92
CA PRO C 464 38.93 12.67 7.17
C PRO C 464 39.21 13.98 6.44
N TRP C 465 38.77 14.10 5.19
CA TRP C 465 38.87 15.40 4.54
C TRP C 465 38.15 16.44 5.40
N ILE C 466 38.85 17.54 5.70
CA ILE C 466 38.25 18.66 6.41
C ILE C 466 38.49 19.92 5.58
N TRP C 467 37.41 20.56 5.16
CA TRP C 467 37.52 21.55 4.11
C TRP C 467 38.17 22.89 4.47
N ASN C 468 38.08 23.33 5.73
CA ASN C 468 38.57 24.65 6.08
C ASN C 468 39.90 24.67 6.85
N ILE C 469 40.74 23.68 6.60
CA ILE C 469 42.13 23.74 7.06
C ILE C 469 43.02 23.56 5.85
N PRO C 470 44.27 23.99 5.93
CA PRO C 470 45.16 23.95 4.78
C PRO C 470 45.89 22.61 4.60
N TYR C 471 46.19 22.28 3.36
CA TYR C 471 46.96 21.09 3.07
C TYR C 471 48.06 21.57 2.15
N VAL C 472 49.29 21.62 2.68
CA VAL C 472 50.43 22.24 2.00
C VAL C 472 51.69 21.38 2.00
N LYS C 473 51.61 20.18 2.57
CA LYS C 473 52.79 19.32 2.61
C LYS C 473 52.95 18.57 1.29
N ALA C 474 51.83 18.24 0.67
CA ALA C 474 51.86 17.53 -0.61
C ALA C 474 50.87 18.15 -1.57
N PRO C 475 51.26 18.25 -2.83
CA PRO C 475 50.43 18.84 -3.86
C PRO C 475 49.39 17.83 -4.34
N ASP C 476 48.34 18.31 -5.00
CA ASP C 476 47.31 17.41 -5.48
C ASP C 476 47.59 17.00 -6.91
N THR C 477 46.60 16.35 -7.52
CA THR C 477 46.67 15.89 -8.89
C THR C 477 47.13 16.98 -9.86
N HIS C 478 46.78 18.23 -9.58
CA HIS C 478 47.07 19.29 -10.53
C HIS C 478 48.26 20.15 -10.11
N GLY C 479 49.05 19.64 -9.17
CA GLY C 479 50.20 20.35 -8.64
C GLY C 479 49.86 21.53 -7.73
N ASN C 480 48.63 21.55 -7.20
CA ASN C 480 48.18 22.64 -6.36
C ASN C 480 48.12 22.26 -4.89
N MET C 481 48.18 23.27 -4.03
CA MET C 481 47.95 23.12 -2.59
C MET C 481 46.55 23.64 -2.27
N TRP C 482 46.12 23.48 -1.03
CA TRP C 482 44.80 23.90 -0.60
C TRP C 482 44.97 24.78 0.62
N VAL C 483 44.66 26.06 0.45
CA VAL C 483 44.76 27.01 1.55
C VAL C 483 43.48 27.83 1.57
N PRO C 484 42.50 27.36 2.36
CA PRO C 484 41.18 27.95 2.39
C PRO C 484 41.18 29.22 3.24
N SER C 485 40.49 30.25 2.75
CA SER C 485 40.23 31.49 3.47
C SER C 485 40.69 32.70 2.67
N ASP D 36 -19.53 -6.34 -17.33
CA ASP D 36 -19.30 -4.92 -17.72
C ASP D 36 -17.84 -4.69 -18.16
N LYS D 37 -17.67 -3.76 -19.11
CA LYS D 37 -16.36 -3.47 -19.69
C LYS D 37 -15.81 -2.12 -19.22
N GLY D 38 -15.32 -2.07 -17.99
CA GLY D 38 -14.79 -0.84 -17.43
C GLY D 38 -15.71 -0.18 -16.40
N ASN D 39 -16.48 -1.00 -15.70
CA ASN D 39 -17.15 -0.56 -14.47
C ASN D 39 -16.19 -0.87 -13.33
N PRO D 40 -15.94 0.12 -12.48
CA PRO D 40 -14.82 0.00 -11.54
C PRO D 40 -15.15 -0.96 -10.42
N PHE D 41 -16.42 -1.18 -10.13
CA PHE D 41 -16.74 -1.91 -8.90
C PHE D 41 -16.72 -3.42 -9.05
N GLN D 42 -17.26 -3.91 -10.15
CA GLN D 42 -17.35 -5.34 -10.39
C GLN D 42 -18.15 -6.04 -9.31
N PHE D 43 -19.18 -5.36 -8.81
CA PHE D 43 -20.08 -5.90 -7.79
C PHE D 43 -21.36 -6.33 -8.47
N TYR D 44 -21.75 -7.58 -8.28
CA TYR D 44 -22.95 -8.08 -8.95
C TYR D 44 -23.87 -8.78 -7.97
N LEU D 45 -25.12 -8.96 -8.37
CA LEU D 45 -26.09 -9.71 -7.61
C LEU D 45 -26.28 -11.02 -8.34
N THR D 46 -26.78 -12.05 -7.65
CA THR D 46 -27.01 -13.31 -8.32
C THR D 46 -28.35 -13.24 -9.00
N ARG D 47 -28.53 -14.08 -10.02
CA ARG D 47 -29.78 -14.13 -10.77
C ARG D 47 -30.89 -14.61 -9.81
N VAL D 48 -32.07 -14.04 -9.93
CA VAL D 48 -33.21 -14.47 -9.11
C VAL D 48 -34.29 -14.99 -10.05
N SER D 49 -34.67 -16.24 -9.84
CA SER D 49 -35.64 -16.87 -10.71
C SER D 49 -37.03 -16.27 -10.45
N GLY D 50 -37.60 -15.68 -11.49
CA GLY D 50 -38.99 -15.26 -11.41
C GLY D 50 -39.17 -13.77 -11.61
N VAL D 51 -38.14 -12.99 -11.26
CA VAL D 51 -38.21 -11.55 -11.47
C VAL D 51 -38.23 -11.22 -12.96
N LYS D 52 -38.74 -10.04 -13.29
CA LYS D 52 -38.70 -9.58 -14.68
C LYS D 52 -37.26 -9.55 -15.15
N PRO D 53 -37.05 -9.96 -16.40
CA PRO D 53 -35.71 -10.01 -17.01
C PRO D 53 -34.87 -8.76 -16.80
N LYS D 54 -35.47 -7.58 -16.73
CA LYS D 54 -34.69 -6.35 -16.56
C LYS D 54 -33.96 -6.35 -15.22
N TYR D 55 -34.47 -7.12 -14.26
CA TYR D 55 -33.82 -7.25 -12.95
C TYR D 55 -32.76 -8.33 -12.92
N ASN D 56 -32.62 -9.08 -14.02
CA ASN D 56 -31.60 -10.10 -14.14
C ASN D 56 -30.53 -9.85 -15.21
N SER D 57 -30.71 -8.80 -16.01
CA SER D 57 -29.80 -8.54 -17.15
C SER D 57 -28.32 -8.36 -16.75
N GLY D 58 -28.06 -7.60 -15.71
CA GLY D 58 -26.68 -7.50 -15.25
C GLY D 58 -26.37 -8.40 -14.07
N ALA D 59 -27.19 -9.43 -13.83
CA ALA D 59 -26.99 -10.31 -12.69
C ALA D 59 -26.32 -11.63 -13.12
N LEU D 60 -25.73 -12.35 -12.17
CA LEU D 60 -25.00 -13.56 -12.52
C LEU D 60 -25.42 -14.79 -11.74
N HIS D 61 -25.67 -15.87 -12.47
CA HIS D 61 -25.79 -17.18 -11.86
C HIS D 61 -24.40 -17.84 -11.87
N ILE D 62 -24.19 -18.82 -10.99
CA ILE D 62 -22.93 -19.55 -10.96
C ILE D 62 -22.55 -20.18 -12.31
N LYS D 63 -23.54 -20.58 -13.09
CA LYS D 63 -23.26 -21.09 -14.44
C LYS D 63 -22.57 -20.04 -15.30
N ASP D 64 -22.95 -18.78 -15.14
CA ASP D 64 -22.31 -17.69 -15.88
C ASP D 64 -20.87 -17.51 -15.42
N ILE D 65 -20.65 -17.57 -14.11
CA ILE D 65 -19.31 -17.31 -13.56
C ILE D 65 -18.31 -18.34 -14.07
N LEU D 66 -18.80 -19.56 -14.30
CA LEU D 66 -17.91 -20.68 -14.59
C LEU D 66 -17.83 -20.94 -16.10
N SER D 67 -18.54 -20.14 -16.89
CA SER D 67 -18.63 -20.35 -18.33
C SER D 67 -17.28 -20.16 -19.05
N PRO D 68 -17.06 -20.88 -20.15
CA PRO D 68 -15.85 -20.72 -20.97
C PRO D 68 -15.57 -19.25 -21.34
N LEU D 69 -16.60 -18.43 -21.39
CA LEU D 69 -16.43 -17.01 -21.68
C LEU D 69 -15.63 -16.30 -20.59
N PHE D 70 -15.65 -16.84 -19.37
CA PHE D 70 -14.93 -16.19 -18.27
C PHE D 70 -13.46 -16.61 -18.23
N GLY D 71 -13.15 -17.72 -18.90
CA GLY D 71 -11.78 -18.19 -19.02
C GLY D 71 -11.75 -19.69 -19.19
N THR D 72 -10.63 -20.23 -19.68
CA THR D 72 -10.48 -21.66 -19.90
C THR D 72 -9.97 -22.32 -18.63
N LEU D 73 -10.87 -22.96 -17.91
CA LEU D 73 -10.57 -23.52 -16.60
C LEU D 73 -9.53 -24.62 -16.65
N VAL D 74 -8.58 -24.54 -15.73
CA VAL D 74 -7.56 -25.55 -15.56
C VAL D 74 -7.77 -26.25 -14.23
N SER D 75 -8.08 -25.47 -13.18
CA SER D 75 -8.58 -26.02 -11.92
C SER D 75 -9.16 -24.91 -11.07
N SER D 76 -9.82 -25.31 -10.00
CA SER D 76 -10.52 -24.35 -9.17
C SER D 76 -10.54 -24.80 -7.72
N ALA D 77 -10.67 -23.83 -6.83
CA ALA D 77 -10.87 -24.08 -5.40
C ALA D 77 -12.16 -23.42 -4.97
N GLN D 78 -13.04 -24.16 -4.31
CA GLN D 78 -14.30 -23.63 -3.86
C GLN D 78 -14.29 -23.60 -2.34
N PHE D 79 -14.16 -22.40 -1.78
CA PHE D 79 -14.23 -22.18 -0.34
C PHE D 79 -15.69 -21.91 -0.02
N ASN D 80 -16.24 -22.67 0.89
CA ASN D 80 -17.60 -22.40 1.29
C ASN D 80 -17.93 -23.06 2.59
N TYR D 81 -19.19 -22.94 2.96
CA TYR D 81 -19.69 -23.47 4.22
C TYR D 81 -20.55 -24.71 3.95
N CYS D 82 -21.57 -24.57 3.10
CA CYS D 82 -22.43 -25.69 2.69
C CYS D 82 -22.26 -26.02 1.22
N PHE D 83 -22.29 -27.32 0.91
CA PHE D 83 -22.04 -27.81 -0.44
C PHE D 83 -23.07 -28.86 -0.82
N ASP D 84 -23.57 -28.79 -2.05
CA ASP D 84 -24.27 -29.91 -2.62
C ASP D 84 -23.41 -30.29 -3.82
N VAL D 85 -22.62 -31.36 -3.67
CA VAL D 85 -21.58 -31.69 -4.65
C VAL D 85 -22.13 -32.08 -6.02
N ASP D 86 -23.18 -32.91 -6.04
CA ASP D 86 -23.82 -33.27 -7.31
C ASP D 86 -24.30 -32.02 -8.03
N TRP D 87 -24.91 -31.09 -7.29
CA TRP D 87 -25.37 -29.85 -7.91
C TRP D 87 -24.20 -29.00 -8.41
N LEU D 88 -23.16 -28.91 -7.59
CA LEU D 88 -22.04 -28.03 -7.89
C LEU D 88 -21.35 -28.41 -9.20
N VAL D 89 -21.03 -29.70 -9.36
CA VAL D 89 -20.40 -30.18 -10.60
C VAL D 89 -21.25 -29.85 -11.81
N LYS D 90 -22.57 -29.92 -11.68
CA LYS D 90 -23.44 -29.58 -12.79
C LYS D 90 -23.39 -28.09 -13.16
N GLN D 91 -22.85 -27.25 -12.27
CA GLN D 91 -22.75 -25.83 -12.57
C GLN D 91 -21.55 -25.52 -13.48
N TYR D 92 -20.56 -26.41 -13.48
CA TYR D 92 -19.39 -26.26 -14.36
C TYR D 92 -19.85 -26.71 -15.74
N PRO D 93 -19.39 -26.03 -16.78
CA PRO D 93 -19.75 -26.43 -18.14
C PRO D 93 -19.21 -27.85 -18.40
N PRO D 94 -19.95 -28.61 -19.19
CA PRO D 94 -19.64 -30.01 -19.47
C PRO D 94 -18.16 -30.24 -19.77
N GLU D 95 -17.57 -29.32 -20.52
CA GLU D 95 -16.17 -29.49 -20.92
C GLU D 95 -15.16 -29.25 -19.78
N PHE D 96 -15.59 -28.63 -18.68
CA PHE D 96 -14.67 -28.38 -17.55
C PHE D 96 -14.92 -29.31 -16.36
N ARG D 97 -15.92 -30.17 -16.50
CA ARG D 97 -16.38 -30.96 -15.37
C ARG D 97 -15.41 -31.98 -14.79
N LYS D 98 -14.33 -32.29 -15.50
CA LYS D 98 -13.31 -33.19 -14.95
C LYS D 98 -12.01 -32.50 -14.55
N LYS D 99 -11.92 -31.19 -14.66
CA LYS D 99 -10.76 -30.47 -14.13
C LYS D 99 -10.76 -30.59 -12.60
N PRO D 100 -9.58 -30.55 -11.97
CA PRO D 100 -9.53 -30.68 -10.51
C PRO D 100 -10.35 -29.59 -9.79
N ILE D 101 -11.12 -30.01 -8.77
CA ILE D 101 -11.81 -29.10 -7.87
C ILE D 101 -11.32 -29.38 -6.45
N LEU D 102 -10.96 -28.32 -5.73
CA LEU D 102 -10.69 -28.43 -4.32
C LEU D 102 -11.84 -27.79 -3.54
N LEU D 103 -12.47 -28.58 -2.66
CA LEU D 103 -13.50 -28.04 -1.78
C LEU D 103 -12.85 -27.73 -0.43
N VAL D 104 -12.91 -26.47 -0.03
CA VAL D 104 -12.35 -26.03 1.24
C VAL D 104 -13.52 -25.81 2.18
N HIS D 105 -13.62 -26.64 3.22
CA HIS D 105 -14.81 -26.66 4.05
C HIS D 105 -14.33 -26.71 5.49
N GLY D 106 -15.27 -26.69 6.44
CA GLY D 106 -14.88 -26.82 7.84
C GLY D 106 -15.57 -27.95 8.59
N ASP D 107 -16.22 -28.85 7.86
CA ASP D 107 -17.05 -29.90 8.45
C ASP D 107 -16.22 -30.88 9.28
N LYS D 108 -16.80 -31.36 10.37
CA LYS D 108 -16.15 -32.38 11.20
C LYS D 108 -17.00 -33.64 11.40
N ARG D 109 -16.36 -34.69 11.90
CA ARG D 109 -17.05 -35.89 12.34
C ARG D 109 -18.04 -36.40 11.30
N GLU D 110 -19.31 -36.52 11.68
CA GLU D 110 -20.30 -37.11 10.79
C GLU D 110 -20.62 -36.22 9.59
N ALA D 111 -20.60 -34.92 9.80
CA ALA D 111 -20.83 -33.97 8.71
C ALA D 111 -19.71 -34.11 7.67
N LYS D 112 -18.48 -34.25 8.15
CA LYS D 112 -17.33 -34.46 7.28
C LYS D 112 -17.48 -35.70 6.39
N ALA D 113 -17.87 -36.80 7.05
CA ALA D 113 -18.07 -38.07 6.39
C ALA D 113 -19.12 -37.93 5.29
N HIS D 114 -20.17 -37.17 5.55
CA HIS D 114 -21.20 -36.95 4.54
C HIS D 114 -20.64 -36.17 3.35
N LEU D 115 -19.78 -35.20 3.61
CA LEU D 115 -19.21 -34.42 2.53
C LEU D 115 -18.30 -35.29 1.65
N HIS D 116 -17.44 -36.09 2.27
CA HIS D 116 -16.59 -37.01 1.51
C HIS D 116 -17.43 -37.97 0.67
N ALA D 117 -18.46 -38.54 1.26
CA ALA D 117 -19.36 -39.44 0.52
C ALA D 117 -19.96 -38.75 -0.71
N GLN D 118 -20.30 -37.47 -0.58
CA GLN D 118 -20.82 -36.67 -1.69
C GLN D 118 -19.76 -36.54 -2.80
N ALA D 119 -18.52 -36.27 -2.43
CA ALA D 119 -17.45 -36.06 -3.40
C ALA D 119 -16.94 -37.36 -4.04
N LYS D 120 -17.09 -38.48 -3.34
CA LYS D 120 -16.43 -39.74 -3.74
C LYS D 120 -16.62 -40.22 -5.19
N PRO D 121 -17.81 -40.07 -5.77
CA PRO D 121 -18.03 -40.47 -7.16
C PRO D 121 -17.19 -39.66 -8.16
N TYR D 122 -16.78 -38.46 -7.77
CA TYR D 122 -16.04 -37.58 -8.66
C TYR D 122 -14.55 -37.62 -8.35
N GLU D 123 -13.82 -38.35 -9.17
CA GLU D 123 -12.40 -38.55 -8.89
C GLU D 123 -11.54 -37.27 -8.97
N ASN D 124 -12.04 -36.26 -9.67
CA ASN D 124 -11.35 -34.97 -9.77
C ASN D 124 -11.58 -34.02 -8.58
N ILE D 125 -12.29 -34.47 -7.55
CA ILE D 125 -12.51 -33.60 -6.39
C ILE D 125 -11.68 -34.02 -5.18
N SER D 126 -10.94 -33.06 -4.64
CA SER D 126 -10.21 -33.24 -3.40
C SER D 126 -10.87 -32.35 -2.37
N LEU D 127 -10.54 -32.59 -1.10
CA LEU D 127 -11.14 -31.85 0.01
C LEU D 127 -10.09 -31.33 0.96
N CYS D 128 -10.32 -30.13 1.49
CA CYS D 128 -9.47 -29.52 2.49
C CYS D 128 -10.31 -29.09 3.67
N GLN D 129 -10.11 -29.75 4.80
CA GLN D 129 -10.77 -29.42 6.06
C GLN D 129 -10.03 -28.30 6.80
N ALA D 130 -10.61 -27.10 6.80
CA ALA D 130 -10.03 -25.97 7.49
C ALA D 130 -10.07 -26.24 8.98
N LYS D 131 -8.97 -26.04 9.67
CA LYS D 131 -8.98 -26.26 11.10
C LYS D 131 -9.86 -25.24 11.81
N LEU D 132 -10.71 -25.74 12.70
CA LEU D 132 -11.53 -24.89 13.55
C LEU D 132 -11.24 -25.29 15.00
N ASP D 133 -10.22 -24.68 15.58
CA ASP D 133 -9.79 -25.07 16.92
C ASP D 133 -10.44 -24.27 18.03
N ILE D 134 -11.43 -23.45 17.67
CA ILE D 134 -12.22 -22.76 18.66
C ILE D 134 -13.67 -23.17 18.47
N ALA D 135 -14.35 -23.49 19.56
CA ALA D 135 -15.75 -23.95 19.53
C ALA D 135 -16.71 -22.91 18.96
N PHE D 136 -17.70 -23.41 18.21
CA PHE D 136 -18.72 -22.58 17.55
C PHE D 136 -18.20 -21.72 16.39
N GLY D 137 -16.99 -22.02 15.94
CA GLY D 137 -16.48 -21.40 14.73
C GLY D 137 -17.02 -22.15 13.52
N THR D 138 -17.14 -21.44 12.39
CA THR D 138 -17.46 -22.11 11.14
C THR D 138 -16.48 -21.67 10.07
N HIS D 139 -16.31 -22.51 9.06
CA HIS D 139 -15.60 -22.04 7.90
C HIS D 139 -16.65 -21.42 7.00
N HIS D 140 -16.84 -20.12 7.15
CA HIS D 140 -17.98 -19.47 6.51
C HIS D 140 -17.66 -18.73 5.18
N THR D 141 -16.39 -18.41 4.97
CA THR D 141 -15.92 -17.84 3.69
C THR D 141 -16.50 -18.45 2.40
N LYS D 142 -16.96 -17.60 1.49
CA LYS D 142 -17.38 -18.00 0.15
C LYS D 142 -16.46 -17.39 -0.91
N MET D 143 -15.62 -18.22 -1.52
CA MET D 143 -14.66 -17.72 -2.49
C MET D 143 -14.38 -18.81 -3.53
N MET D 144 -14.15 -18.36 -4.76
CA MET D 144 -13.72 -19.30 -5.82
C MET D 144 -12.36 -18.84 -6.30
N LEU D 145 -11.39 -19.73 -6.29
CA LEU D 145 -10.13 -19.43 -6.94
C LEU D 145 -10.22 -20.16 -8.28
N LEU D 146 -10.18 -19.41 -9.39
CA LEU D 146 -10.34 -19.99 -10.71
C LEU D 146 -9.06 -19.85 -11.53
N LEU D 147 -8.34 -20.96 -11.72
CA LEU D 147 -7.11 -20.97 -12.53
C LEU D 147 -7.45 -21.33 -13.98
N TYR D 148 -7.12 -20.41 -14.88
CA TYR D 148 -7.39 -20.59 -16.30
C TYR D 148 -6.09 -20.72 -17.07
N GLU D 149 -6.22 -21.10 -18.34
CA GLU D 149 -5.07 -21.09 -19.24
C GLU D 149 -4.59 -19.66 -19.42
N GLU D 150 -5.53 -18.72 -19.38
CA GLU D 150 -5.26 -17.33 -19.71
C GLU D 150 -4.82 -16.50 -18.51
N GLY D 151 -5.05 -17.04 -17.30
CA GLY D 151 -4.72 -16.29 -16.11
C GLY D 151 -5.44 -16.81 -14.87
N LEU D 152 -5.75 -15.92 -13.95
CA LEU D 152 -6.38 -16.32 -12.70
C LEU D 152 -7.49 -15.36 -12.31
N ARG D 153 -8.59 -15.91 -11.80
CA ARG D 153 -9.66 -15.06 -11.27
C ARG D 153 -9.96 -15.42 -9.81
N VAL D 154 -10.30 -14.40 -9.02
CA VAL D 154 -10.75 -14.61 -7.65
C VAL D 154 -12.17 -14.08 -7.58
N VAL D 155 -13.08 -14.88 -7.03
CA VAL D 155 -14.47 -14.48 -6.84
C VAL D 155 -14.77 -14.56 -5.34
N ILE D 156 -15.16 -13.44 -4.74
CA ILE D 156 -15.56 -13.42 -3.34
C ILE D 156 -17.05 -13.10 -3.29
N HIS D 157 -17.80 -13.98 -2.65
CA HIS D 157 -19.25 -13.86 -2.69
C HIS D 157 -19.93 -14.24 -1.39
N THR D 158 -21.25 -14.41 -1.43
CA THR D 158 -22.02 -14.69 -0.23
C THR D 158 -22.86 -15.94 -0.30
N SER D 159 -22.81 -16.70 -1.39
CA SER D 159 -23.72 -17.85 -1.54
C SER D 159 -23.10 -19.19 -1.18
N ASN D 160 -23.86 -20.04 -0.48
CA ASN D 160 -23.47 -21.43 -0.32
C ASN D 160 -23.51 -22.15 -1.66
N LEU D 161 -22.81 -23.29 -1.79
CA LEU D 161 -22.86 -23.98 -3.06
C LEU D 161 -24.00 -25.00 -3.03
N ILE D 162 -25.22 -24.48 -2.84
CA ILE D 162 -26.43 -25.29 -2.93
C ILE D 162 -27.41 -24.55 -3.82
N HIS D 163 -28.32 -25.31 -4.44
CA HIS D 163 -29.27 -24.73 -5.38
C HIS D 163 -30.08 -23.58 -4.84
N ALA D 164 -30.60 -23.73 -3.63
CA ALA D 164 -31.45 -22.71 -3.04
C ALA D 164 -30.74 -21.36 -2.86
N ASP D 165 -29.43 -21.38 -2.69
CA ASP D 165 -28.71 -20.11 -2.49
C ASP D 165 -28.59 -19.29 -3.77
N TRP D 166 -28.76 -19.93 -4.93
CA TRP D 166 -28.59 -19.22 -6.21
C TRP D 166 -29.92 -19.09 -6.96
N HIS D 167 -31.01 -19.47 -6.30
CA HIS D 167 -32.30 -19.53 -6.95
C HIS D 167 -33.13 -18.24 -6.78
N GLN D 168 -33.55 -17.96 -5.56
CA GLN D 168 -34.43 -16.82 -5.31
C GLN D 168 -33.99 -15.94 -4.14
N LYS D 169 -32.68 -15.85 -3.90
CA LYS D 169 -32.18 -15.02 -2.80
C LYS D 169 -31.45 -13.79 -3.34
N THR D 170 -31.34 -12.73 -2.54
CA THR D 170 -30.45 -11.63 -2.87
C THR D 170 -29.08 -11.99 -2.34
N GLN D 171 -28.11 -12.16 -3.25
CA GLN D 171 -26.74 -12.53 -2.90
C GLN D 171 -25.80 -11.60 -3.63
N GLY D 172 -24.59 -11.43 -3.11
CA GLY D 172 -23.61 -10.52 -3.69
C GLY D 172 -22.35 -11.21 -4.19
N ILE D 173 -21.72 -10.62 -5.20
CA ILE D 173 -20.54 -11.19 -5.82
C ILE D 173 -19.56 -10.08 -6.14
N TRP D 174 -18.28 -10.27 -5.81
CA TRP D 174 -17.24 -9.43 -6.36
C TRP D 174 -16.42 -10.25 -7.36
N LEU D 175 -16.24 -9.73 -8.58
CA LEU D 175 -15.45 -10.44 -9.60
C LEU D 175 -14.11 -9.77 -9.82
N SER D 176 -13.03 -10.48 -9.54
CA SER D 176 -11.72 -9.92 -9.81
C SER D 176 -11.57 -9.76 -11.32
N PRO D 177 -10.61 -8.95 -11.73
CA PRO D 177 -10.15 -8.94 -13.13
C PRO D 177 -9.51 -10.28 -13.45
N LEU D 178 -9.31 -10.55 -14.73
CA LEU D 178 -8.46 -11.66 -15.13
C LEU D 178 -7.02 -11.24 -14.83
N TYR D 179 -6.40 -11.88 -13.86
CA TYR D 179 -5.04 -11.57 -13.50
C TYR D 179 -4.13 -12.39 -14.42
N PRO D 180 -3.21 -11.72 -15.14
CA PRO D 180 -2.30 -12.45 -16.02
C PRO D 180 -1.15 -13.02 -15.21
N ARG D 181 -0.48 -14.02 -15.80
CA ARG D 181 0.75 -14.56 -15.24
C ARG D 181 1.85 -13.51 -15.36
N ILE D 182 2.73 -13.45 -14.37
CA ILE D 182 3.89 -12.56 -14.46
C ILE D 182 4.94 -13.15 -15.42
N ALA D 183 5.50 -12.29 -16.26
CA ALA D 183 6.46 -12.68 -17.30
C ALA D 183 7.61 -13.56 -16.81
N ASP D 184 8.24 -14.28 -17.74
CA ASP D 184 9.39 -15.10 -17.42
C ASP D 184 10.57 -14.24 -16.99
N GLY D 185 11.20 -14.61 -15.88
CA GLY D 185 12.33 -13.87 -15.34
C GLY D 185 12.12 -12.37 -15.32
N THR D 186 10.86 -11.94 -15.21
CA THR D 186 10.56 -10.56 -14.88
C THR D 186 10.61 -10.44 -13.36
N HIS D 187 10.94 -9.26 -12.86
CA HIS D 187 11.00 -9.05 -11.42
C HIS D 187 9.92 -8.06 -11.01
N LYS D 188 8.69 -8.56 -10.89
CA LYS D 188 7.57 -7.72 -10.49
C LYS D 188 6.84 -8.39 -9.35
N SER D 189 6.32 -7.59 -8.43
CA SER D 189 5.63 -8.14 -7.27
C SER D 189 4.26 -8.67 -7.67
N GLY D 190 3.61 -8.03 -8.63
CA GLY D 190 2.21 -8.30 -8.93
C GLY D 190 1.26 -7.77 -7.84
N GLU D 191 1.78 -6.88 -7.00
CA GLU D 191 0.99 -6.34 -5.88
C GLU D 191 0.19 -5.10 -6.30
N SER D 192 -0.97 -4.89 -5.70
CA SER D 192 -1.75 -3.67 -5.96
C SER D 192 -1.53 -2.67 -4.85
N PRO D 193 -1.91 -1.42 -5.06
CA PRO D 193 -1.85 -0.41 -4.00
C PRO D 193 -2.71 -0.76 -2.76
N THR D 194 -3.70 -1.63 -2.92
CA THR D 194 -4.52 -2.08 -1.80
C THR D 194 -3.89 -3.27 -1.06
N HIS D 195 -2.76 -3.78 -1.55
CA HIS D 195 -2.08 -4.95 -0.99
C HIS D 195 -2.91 -6.24 -0.99
N PHE D 196 -3.85 -6.32 -1.92
CA PHE D 196 -4.75 -7.46 -2.03
C PHE D 196 -3.97 -8.77 -2.12
N LYS D 197 -2.91 -8.78 -2.91
CA LYS D 197 -2.18 -10.01 -3.19
C LYS D 197 -1.53 -10.58 -1.93
N ALA D 198 -0.79 -9.75 -1.22
CA ALA D 198 -0.19 -10.16 0.06
C ALA D 198 -1.27 -10.50 1.07
N ASN D 199 -2.35 -9.72 1.09
CA ASN D 199 -3.45 -9.93 2.03
C ASN D 199 -4.17 -11.26 1.76
N LEU D 200 -4.34 -11.61 0.48
CA LEU D 200 -4.99 -12.86 0.16
C LEU D 200 -4.07 -14.03 0.55
N ILE D 201 -2.79 -13.88 0.25
CA ILE D 201 -1.83 -14.90 0.63
C ILE D 201 -1.77 -15.10 2.14
N SER D 202 -1.75 -14.02 2.93
CA SER D 202 -1.81 -14.14 4.38
C SER D 202 -3.06 -14.87 4.82
N TYR D 203 -4.19 -14.55 4.19
CA TYR D 203 -5.44 -15.26 4.51
C TYR D 203 -5.25 -16.78 4.30
N LEU D 204 -4.72 -17.15 3.13
CA LEU D 204 -4.58 -18.58 2.84
C LEU D 204 -3.53 -19.27 3.74
N THR D 205 -2.51 -18.54 4.13
CA THR D 205 -1.43 -19.06 4.95
C THR D 205 -1.92 -19.48 6.31
N ALA D 206 -2.88 -18.73 6.82
CA ALA D 206 -3.47 -19.02 8.12
C ALA D 206 -4.13 -20.41 8.20
N TYR D 207 -4.53 -20.99 7.07
CA TYR D 207 -5.08 -22.35 7.11
C TYR D 207 -4.02 -23.40 7.47
N ASN D 208 -2.75 -23.13 7.13
CA ASN D 208 -1.70 -24.13 7.37
C ASN D 208 -1.99 -25.44 6.67
N ALA D 209 -2.43 -25.35 5.41
CA ALA D 209 -2.90 -26.53 4.69
C ALA D 209 -2.14 -26.74 3.39
N PRO D 210 -1.65 -27.97 3.19
CA PRO D 210 -0.79 -28.30 2.06
C PRO D 210 -1.49 -27.98 0.77
N SER D 211 -2.77 -28.33 0.69
CA SER D 211 -3.54 -28.15 -0.52
C SER D 211 -3.65 -26.67 -0.89
N LEU D 212 -3.63 -25.80 0.14
CA LEU D 212 -3.77 -24.37 -0.09
C LEU D 212 -2.42 -23.73 -0.45
N LYS D 213 -1.34 -24.31 0.04
CA LYS D 213 -0.02 -23.80 -0.32
C LYS D 213 0.13 -23.84 -1.83
N GLU D 214 -0.39 -24.88 -2.47
CA GLU D 214 -0.38 -24.93 -3.93
C GLU D 214 -1.08 -23.71 -4.52
N TRP D 215 -2.19 -23.30 -3.92
CA TRP D 215 -2.92 -22.15 -4.45
C TRP D 215 -2.18 -20.83 -4.14
N ILE D 216 -1.47 -20.81 -3.03
CA ILE D 216 -0.63 -19.66 -2.72
C ILE D 216 0.45 -19.52 -3.83
N ASP D 217 1.07 -20.62 -4.22
CA ASP D 217 2.12 -20.56 -5.23
C ASP D 217 1.53 -20.10 -6.57
N VAL D 218 0.31 -20.53 -6.87
CA VAL D 218 -0.38 -20.01 -8.05
C VAL D 218 -0.58 -18.48 -7.99
N ILE D 219 -1.05 -17.97 -6.85
CA ILE D 219 -1.22 -16.53 -6.72
C ILE D 219 0.11 -15.77 -6.79
N HIS D 220 1.16 -16.33 -6.19
CA HIS D 220 2.51 -15.73 -6.27
C HIS D 220 2.90 -15.44 -7.72
N LYS D 221 2.52 -16.33 -8.64
CA LYS D 221 2.91 -16.23 -10.04
C LYS D 221 2.02 -15.32 -10.90
N HIS D 222 0.95 -14.77 -10.32
CA HIS D 222 0.12 -13.89 -11.12
C HIS D 222 0.26 -12.43 -10.69
N ASP D 223 -0.15 -11.56 -11.59
CA ASP D 223 -0.11 -10.13 -11.41
C ASP D 223 -1.50 -9.65 -10.99
N LEU D 224 -1.65 -9.29 -9.71
CA LEU D 224 -2.92 -8.83 -9.16
C LEU D 224 -2.95 -7.32 -8.97
N SER D 225 -2.03 -6.64 -9.65
CA SER D 225 -1.81 -5.22 -9.43
C SER D 225 -3.02 -4.37 -9.77
N GLU D 226 -3.91 -4.85 -10.63
CA GLU D 226 -5.05 -4.00 -11.00
C GLU D 226 -6.17 -4.00 -9.94
N THR D 227 -6.02 -4.83 -8.90
CA THR D 227 -7.06 -4.91 -7.87
C THR D 227 -7.30 -3.58 -7.20
N ASN D 228 -8.57 -3.15 -7.16
CA ASN D 228 -8.88 -1.86 -6.56
C ASN D 228 -9.72 -1.94 -5.27
N VAL D 229 -9.83 -3.15 -4.70
CA VAL D 229 -10.54 -3.32 -3.43
C VAL D 229 -9.61 -3.82 -2.32
N TYR D 230 -10.03 -3.63 -1.08
CA TYR D 230 -9.26 -4.13 0.07
C TYR D 230 -9.86 -5.41 0.63
N LEU D 231 -9.00 -6.38 0.94
CA LEU D 231 -9.46 -7.65 1.50
C LEU D 231 -9.71 -7.53 3.01
N ILE D 232 -10.88 -7.98 3.46
CA ILE D 232 -11.12 -8.09 4.90
C ILE D 232 -11.42 -9.53 5.25
N GLY D 233 -10.49 -10.17 5.92
CA GLY D 233 -10.68 -11.55 6.32
C GLY D 233 -10.90 -11.71 7.82
N SER D 234 -11.61 -12.77 8.21
CA SER D 234 -11.55 -13.26 9.59
C SER D 234 -10.96 -14.66 9.52
N THR D 235 -10.19 -15.01 10.55
CA THR D 235 -9.61 -16.33 10.63
C THR D 235 -9.61 -16.71 12.12
N PRO D 236 -9.78 -17.98 12.48
CA PRO D 236 -9.95 -18.32 13.90
C PRO D 236 -8.67 -18.05 14.68
N GLY D 237 -8.80 -17.47 15.87
CA GLY D 237 -7.65 -17.33 16.75
C GLY D 237 -7.80 -16.23 17.77
N ARG D 238 -6.68 -15.94 18.43
CA ARG D 238 -6.58 -14.88 19.40
C ARG D 238 -5.44 -14.00 18.95
N PHE D 239 -5.70 -12.73 18.71
CA PHE D 239 -4.72 -11.89 18.07
C PHE D 239 -4.35 -10.72 18.95
N GLN D 240 -3.06 -10.61 19.25
CA GLN D 240 -2.55 -9.57 20.12
C GLN D 240 -1.51 -8.74 19.38
N GLY D 241 -1.11 -7.61 19.96
CA GLY D 241 -0.01 -6.84 19.41
C GLY D 241 -0.26 -6.45 17.97
N SER D 242 0.77 -6.62 17.14
CA SER D 242 0.67 -6.21 15.73
C SER D 242 -0.36 -7.05 14.96
N GLN D 243 -0.62 -8.26 15.44
CA GLN D 243 -1.57 -9.18 14.79
C GLN D 243 -3.03 -8.75 15.00
N LYS D 244 -3.27 -7.92 16.01
CA LYS D 244 -4.63 -7.52 16.36
C LYS D 244 -5.35 -6.84 15.19
N ASP D 245 -4.58 -6.12 14.38
CA ASP D 245 -5.09 -5.35 13.24
C ASP D 245 -5.33 -6.17 11.97
N ASN D 246 -4.96 -7.44 11.99
CA ASN D 246 -4.95 -8.26 10.78
C ASN D 246 -6.35 -8.73 10.34
N TRP D 247 -7.26 -8.89 11.29
CA TRP D 247 -8.50 -9.63 11.07
C TRP D 247 -9.75 -9.00 11.69
N GLY D 248 -10.92 -9.45 11.25
CA GLY D 248 -12.18 -9.02 11.80
C GLY D 248 -12.40 -7.52 11.79
N HIS D 249 -13.11 -7.05 12.81
CA HIS D 249 -13.51 -5.65 12.80
C HIS D 249 -12.35 -4.71 13.02
N PHE D 250 -11.27 -5.21 13.62
CA PHE D 250 -10.09 -4.36 13.79
C PHE D 250 -9.34 -4.16 12.48
N ARG D 251 -9.48 -5.12 11.55
CA ARG D 251 -8.90 -4.96 10.24
C ARG D 251 -9.68 -3.87 9.53
N LEU D 252 -10.99 -3.91 9.66
CA LEU D 252 -11.82 -2.85 9.08
C LEU D 252 -11.42 -1.50 9.67
N LYS D 253 -11.31 -1.44 10.99
CA LYS D 253 -10.93 -0.19 11.65
C LYS D 253 -9.61 0.38 11.11
N LYS D 254 -8.61 -0.48 10.97
CA LYS D 254 -7.29 -0.06 10.49
C LYS D 254 -7.34 0.52 9.07
N LEU D 255 -8.08 -0.12 8.16
CA LEU D 255 -8.22 0.36 6.77
C LEU D 255 -8.95 1.70 6.74
N LEU D 256 -10.00 1.80 7.52
CA LEU D 256 -10.78 3.05 7.59
C LEU D 256 -9.97 4.20 8.18
N LYS D 257 -9.20 3.92 9.24
CA LYS D 257 -8.30 4.90 9.81
C LYS D 257 -7.24 5.36 8.78
N ASP D 258 -6.70 4.42 8.01
CA ASP D 258 -5.60 4.72 7.09
C ASP D 258 -6.02 5.24 5.70
N HIS D 259 -7.18 4.81 5.21
CA HIS D 259 -7.54 5.09 3.80
C HIS D 259 -8.89 5.76 3.61
N ALA D 260 -9.48 6.24 4.70
CA ALA D 260 -10.65 7.09 4.62
C ALA D 260 -10.29 8.40 5.34
N SER D 261 -11.14 9.40 5.19
CA SER D 261 -10.90 10.70 5.80
C SER D 261 -12.18 11.14 6.47
N SER D 262 -12.10 11.71 7.66
CA SER D 262 -13.31 12.19 8.32
C SER D 262 -13.74 13.53 7.73
N MET D 263 -15.03 13.67 7.50
CA MET D 263 -15.59 14.90 6.97
C MET D 263 -16.28 15.64 8.12
N PRO D 264 -16.62 16.91 7.91
CA PRO D 264 -17.36 17.67 8.92
C PRO D 264 -18.74 17.04 9.12
N ASN D 265 -19.25 17.09 10.35
CA ASN D 265 -20.55 16.49 10.65
C ASN D 265 -20.54 14.97 10.50
N ALA D 266 -19.36 14.38 10.60
CA ALA D 266 -19.18 12.93 10.55
C ALA D 266 -20.14 12.20 11.49
N GLU D 267 -20.38 12.82 12.65
CA GLU D 267 -21.25 12.27 13.69
C GLU D 267 -22.66 11.98 13.19
N SER D 268 -23.07 12.63 12.11
CA SER D 268 -24.39 12.35 11.56
C SER D 268 -24.36 11.41 10.35
N TRP D 269 -23.19 10.91 9.97
CA TRP D 269 -23.16 9.88 8.91
C TRP D 269 -23.47 8.56 9.57
N PRO D 270 -24.62 7.97 9.25
CA PRO D 270 -25.03 6.70 9.85
C PRO D 270 -24.14 5.52 9.47
N VAL D 271 -24.24 4.45 10.25
CA VAL D 271 -23.67 3.16 9.89
C VAL D 271 -24.85 2.25 9.54
N VAL D 272 -24.67 1.39 8.53
CA VAL D 272 -25.68 0.42 8.15
C VAL D 272 -25.03 -0.95 8.10
N GLY D 273 -25.62 -1.93 8.81
CA GLY D 273 -25.22 -3.32 8.69
C GLY D 273 -26.43 -4.15 8.29
N GLN D 274 -26.19 -5.14 7.44
CA GLN D 274 -27.26 -5.90 6.79
C GLN D 274 -26.74 -7.33 6.67
N PHE D 275 -27.54 -8.29 7.10
CA PHE D 275 -27.00 -9.64 7.38
C PHE D 275 -28.13 -10.62 7.45
N SER D 276 -27.80 -11.91 7.52
CA SER D 276 -28.85 -12.92 7.51
C SER D 276 -28.76 -13.83 8.71
N SER D 277 -27.83 -13.54 9.61
CA SER D 277 -27.67 -14.34 10.82
C SER D 277 -27.23 -13.46 11.99
N VAL D 278 -27.69 -13.78 13.19
CA VAL D 278 -27.45 -12.93 14.35
C VAL D 278 -26.85 -13.73 15.50
N GLY D 279 -25.67 -13.31 15.94
CA GLY D 279 -25.01 -13.97 17.06
C GLY D 279 -25.63 -13.45 18.34
N SER D 280 -25.22 -14.02 19.46
CA SER D 280 -25.59 -13.48 20.77
C SER D 280 -24.60 -12.37 21.15
N LEU D 281 -25.11 -11.16 21.27
CA LEU D 281 -24.29 -9.95 21.33
C LEU D 281 -24.14 -9.40 22.75
N GLY D 282 -24.93 -9.94 23.69
CA GLY D 282 -24.77 -9.60 25.09
C GLY D 282 -26.04 -8.98 25.64
N ALA D 283 -26.03 -8.74 26.95
CA ALA D 283 -27.23 -8.32 27.67
C ALA D 283 -27.72 -6.94 27.28
N ASP D 284 -26.82 -6.10 26.79
CA ASP D 284 -27.22 -4.79 26.25
C ASP D 284 -26.28 -4.32 25.13
N GLU D 285 -26.59 -3.17 24.55
CA GLU D 285 -25.82 -2.62 23.46
C GLU D 285 -24.41 -2.18 23.82
N SER D 286 -24.10 -2.08 25.12
CA SER D 286 -22.77 -1.60 25.51
C SER D 286 -21.72 -2.70 25.58
N LYS D 287 -22.16 -3.96 25.50
CA LYS D 287 -21.25 -5.11 25.61
C LYS D 287 -20.38 -5.39 24.38
N TRP D 288 -20.89 -5.08 23.20
CA TRP D 288 -20.16 -5.36 21.97
C TRP D 288 -20.65 -4.49 20.83
N LEU D 289 -21.95 -4.52 20.57
CA LEU D 289 -22.51 -3.84 19.42
C LEU D 289 -22.12 -2.37 19.37
N CYS D 290 -22.51 -1.63 20.41
CA CYS D 290 -22.30 -0.20 20.40
C CYS D 290 -21.01 0.25 21.06
N SER D 291 -20.15 -0.71 21.42
CA SER D 291 -18.89 -0.37 22.07
C SER D 291 -17.66 -0.70 21.21
N GLU D 292 -17.47 -1.95 20.85
CA GLU D 292 -16.34 -2.26 19.98
C GLU D 292 -16.69 -2.35 18.47
N PHE D 293 -17.83 -2.96 18.14
CA PHE D 293 -18.24 -3.09 16.75
C PHE D 293 -18.53 -1.78 16.00
N LYS D 294 -19.45 -0.97 16.52
CA LYS D 294 -19.77 0.33 15.92
C LYS D 294 -18.59 1.28 16.01
N GLU D 295 -17.82 1.17 17.08
CA GLU D 295 -16.60 1.95 17.23
C GLU D 295 -15.64 1.70 16.07
N SER D 296 -15.50 0.44 15.65
CA SER D 296 -14.68 0.12 14.49
C SER D 296 -15.30 0.69 13.20
N MET D 297 -16.59 0.48 13.03
CA MET D 297 -17.29 0.93 11.81
C MET D 297 -17.50 2.43 11.64
N LEU D 298 -17.51 3.18 12.73
CA LEU D 298 -17.63 4.62 12.59
C LEU D 298 -16.26 5.30 12.47
N THR D 299 -15.19 4.50 12.54
CA THR D 299 -13.85 5.03 12.28
C THR D 299 -13.72 5.67 10.90
N LEU D 300 -13.09 6.84 10.85
CA LEU D 300 -12.83 7.56 9.60
C LEU D 300 -11.60 8.44 9.80
N GLY D 301 -10.46 8.04 9.25
CA GLY D 301 -9.25 8.84 9.34
C GLY D 301 -8.64 8.83 10.73
N SER D 311 -22.96 9.25 18.98
CA SER D 311 -24.33 9.58 18.56
C SER D 311 -24.68 9.13 17.12
N VAL D 312 -23.71 8.57 16.42
CA VAL D 312 -23.95 8.08 15.05
C VAL D 312 -25.15 7.12 15.03
N PRO D 313 -26.09 7.35 14.12
CA PRO D 313 -27.26 6.47 13.99
C PRO D 313 -26.81 5.13 13.42
N LEU D 314 -27.40 4.05 13.91
CA LEU D 314 -27.07 2.70 13.48
C LEU D 314 -28.32 2.01 12.94
N TYR D 315 -28.28 1.62 11.68
CA TYR D 315 -29.38 0.96 11.00
C TYR D 315 -28.99 -0.49 10.76
N LEU D 316 -29.72 -1.44 11.33
CA LEU D 316 -29.47 -2.84 11.00
C LEU D 316 -30.63 -3.36 10.21
N ILE D 317 -30.32 -4.03 9.10
CA ILE D 317 -31.34 -4.54 8.19
C ILE D 317 -31.38 -6.04 8.29
N TYR D 318 -32.54 -6.57 8.66
CA TYR D 318 -32.71 -8.00 8.85
C TYR D 318 -34.20 -8.27 8.62
N PRO D 319 -34.52 -9.30 7.84
CA PRO D 319 -35.90 -9.58 7.44
C PRO D 319 -36.86 -9.79 8.61
N SER D 320 -38.03 -9.19 8.50
CA SER D 320 -39.15 -9.41 9.42
C SER D 320 -39.84 -10.71 9.07
N VAL D 321 -40.67 -11.19 9.99
CA VAL D 321 -41.49 -12.36 9.68
C VAL D 321 -42.30 -12.08 8.41
N GLU D 322 -42.84 -10.88 8.31
CA GLU D 322 -43.67 -10.51 7.17
C GLU D 322 -42.86 -10.46 5.85
N ASN D 323 -41.63 -9.96 5.88
CA ASN D 323 -40.73 -10.06 4.72
C ASN D 323 -40.62 -11.51 4.24
N VAL D 324 -40.40 -12.41 5.20
CA VAL D 324 -40.24 -13.84 4.89
C VAL D 324 -41.52 -14.49 4.37
N ARG D 325 -42.63 -14.25 5.08
CA ARG D 325 -43.92 -14.82 4.70
C ARG D 325 -44.28 -14.45 3.26
N THR D 326 -44.03 -13.20 2.89
CA THR D 326 -44.49 -12.73 1.60
C THR D 326 -43.46 -12.91 0.51
N SER D 327 -42.37 -13.62 0.82
CA SER D 327 -41.22 -13.71 -0.09
C SER D 327 -41.44 -14.68 -1.24
N LEU D 328 -40.54 -14.63 -2.22
CA LEU D 328 -40.60 -15.59 -3.34
C LEU D 328 -40.63 -17.04 -2.85
N GLU D 329 -39.88 -17.34 -1.78
CA GLU D 329 -39.79 -18.73 -1.32
C GLU D 329 -40.80 -19.04 -0.23
N GLY D 330 -41.38 -17.99 0.35
CA GLY D 330 -42.26 -18.16 1.48
C GLY D 330 -41.44 -18.50 2.71
N TYR D 331 -42.07 -19.18 3.66
CA TYR D 331 -41.41 -19.50 4.93
C TYR D 331 -40.08 -20.25 4.83
N PRO D 332 -39.91 -21.15 3.86
CA PRO D 332 -38.63 -21.87 3.73
C PRO D 332 -37.44 -20.93 3.60
N ALA D 333 -37.63 -19.75 3.01
CA ALA D 333 -36.56 -18.76 2.99
C ALA D 333 -35.99 -18.62 4.41
N GLY D 334 -36.84 -18.85 5.41
CA GLY D 334 -36.42 -18.73 6.80
C GLY D 334 -35.38 -19.76 7.22
N GLY D 335 -35.25 -20.84 6.45
CA GLY D 335 -34.23 -21.85 6.72
C GLY D 335 -32.80 -21.30 6.58
N SER D 336 -32.66 -20.14 5.96
CA SER D 336 -31.34 -19.53 5.73
C SER D 336 -31.20 -18.24 6.48
N LEU D 337 -32.11 -18.02 7.42
CA LEU D 337 -32.05 -16.89 8.32
C LEU D 337 -32.11 -17.44 9.75
N PRO D 338 -31.05 -18.14 10.17
CA PRO D 338 -31.11 -18.99 11.38
C PRO D 338 -31.04 -18.27 12.74
N TYR D 339 -31.75 -17.15 12.92
CA TYR D 339 -31.84 -16.49 14.22
C TYR D 339 -32.75 -17.33 15.14
N SER D 340 -32.21 -17.83 16.25
CA SER D 340 -32.96 -18.77 17.07
C SER D 340 -33.56 -18.08 18.27
N ILE D 341 -34.69 -18.59 18.77
CA ILE D 341 -35.37 -17.92 19.89
C ILE D 341 -34.51 -17.87 21.15
N GLN D 342 -33.74 -18.93 21.38
CA GLN D 342 -32.80 -18.99 22.47
C GLN D 342 -31.88 -17.79 22.49
N THR D 343 -31.47 -17.33 21.30
CA THR D 343 -30.57 -16.20 21.23
C THR D 343 -31.35 -14.90 21.33
N ALA D 344 -32.43 -14.80 20.56
CA ALA D 344 -33.26 -13.60 20.49
C ALA D 344 -33.81 -13.16 21.85
N GLU D 345 -34.27 -14.11 22.65
CA GLU D 345 -34.90 -13.75 23.93
C GLU D 345 -33.89 -13.17 24.94
N LYS D 346 -32.61 -13.41 24.73
CA LYS D 346 -31.58 -12.80 25.59
C LYS D 346 -31.26 -11.35 25.20
N GLN D 347 -31.82 -10.86 24.10
CA GLN D 347 -31.37 -9.57 23.56
C GLN D 347 -32.46 -8.78 22.83
N ASN D 348 -33.62 -8.64 23.45
CA ASN D 348 -34.72 -7.95 22.82
C ASN D 348 -34.40 -6.51 22.51
N TRP D 349 -33.51 -5.93 23.30
CA TRP D 349 -33.04 -4.57 23.08
C TRP D 349 -32.53 -4.35 21.63
N LEU D 350 -31.96 -5.40 21.04
CA LEU D 350 -31.30 -5.26 19.75
C LEU D 350 -32.35 -4.98 18.69
N HIS D 351 -33.56 -5.47 18.91
CA HIS D 351 -34.59 -5.44 17.88
C HIS D 351 -35.12 -4.05 17.52
N SER D 352 -34.82 -3.08 18.38
CA SER D 352 -35.26 -1.71 18.09
C SER D 352 -34.32 -1.04 17.08
N TYR D 353 -33.25 -1.75 16.71
CA TYR D 353 -32.34 -1.28 15.68
C TYR D 353 -32.74 -1.88 14.32
N PHE D 354 -33.72 -2.78 14.32
CA PHE D 354 -33.99 -3.54 13.12
C PHE D 354 -34.87 -2.81 12.11
N HIS D 355 -34.48 -2.95 10.86
CA HIS D 355 -35.22 -2.37 9.75
C HIS D 355 -35.54 -3.46 8.74
N LYS D 356 -36.65 -3.29 8.04
CA LYS D 356 -37.16 -4.27 7.10
C LYS D 356 -36.24 -4.44 5.90
N TRP D 357 -36.30 -5.60 5.28
CA TRP D 357 -35.66 -5.80 4.00
C TRP D 357 -36.54 -5.16 2.93
N SER D 358 -35.96 -4.27 2.15
CA SER D 358 -36.65 -3.61 1.04
C SER D 358 -35.64 -3.41 -0.10
N ALA D 359 -36.01 -3.78 -1.32
CA ALA D 359 -35.05 -3.72 -2.41
C ALA D 359 -35.70 -3.43 -3.75
N GLU D 360 -36.62 -2.47 -3.75
CA GLU D 360 -37.28 -2.02 -4.98
C GLU D 360 -36.24 -1.61 -6.01
N THR D 361 -35.18 -0.93 -5.56
CA THR D 361 -34.11 -0.54 -6.45
C THR D 361 -33.57 -1.66 -7.33
N SER D 362 -33.62 -2.89 -6.85
CA SER D 362 -33.08 -4.00 -7.63
C SER D 362 -34.15 -5.06 -7.91
N GLY D 363 -35.41 -4.70 -7.71
CA GLY D 363 -36.54 -5.58 -7.97
C GLY D 363 -36.53 -6.81 -7.09
N ARG D 364 -35.94 -6.66 -5.90
CA ARG D 364 -35.59 -7.81 -5.07
C ARG D 364 -36.16 -7.80 -3.64
N SER D 365 -37.21 -7.00 -3.41
CA SER D 365 -37.87 -6.95 -2.11
C SER D 365 -38.38 -8.31 -1.63
N ASN D 366 -38.77 -9.17 -2.56
CA ASN D 366 -39.27 -10.50 -2.21
C ASN D 366 -38.21 -11.62 -2.32
N ALA D 367 -36.98 -11.25 -2.65
CA ALA D 367 -35.88 -12.20 -2.71
C ALA D 367 -35.05 -12.06 -1.42
N MET D 368 -35.29 -12.95 -0.44
CA MET D 368 -34.72 -12.76 0.91
C MET D 368 -33.21 -12.64 0.86
N PRO D 369 -32.67 -11.75 1.68
CA PRO D 369 -31.21 -11.52 1.66
C PRO D 369 -30.40 -12.65 2.29
N HIS D 370 -29.39 -13.10 1.57
CA HIS D 370 -28.39 -13.93 2.18
C HIS D 370 -27.04 -13.22 1.99
N ILE D 371 -27.06 -12.14 1.22
CA ILE D 371 -25.91 -11.23 1.09
C ILE D 371 -25.65 -10.56 2.44
N LYS D 372 -24.42 -10.13 2.72
CA LYS D 372 -24.16 -9.31 3.92
C LYS D 372 -23.36 -8.08 3.49
N THR D 373 -23.79 -6.91 3.95
CA THR D 373 -23.13 -5.66 3.56
C THR D 373 -23.13 -4.71 4.73
N TYR D 374 -22.12 -3.85 4.73
CA TYR D 374 -21.94 -2.84 5.73
C TYR D 374 -21.49 -1.59 4.96
N MET D 375 -21.99 -0.43 5.37
CA MET D 375 -21.66 0.80 4.67
C MET D 375 -21.86 2.05 5.54
N ARG D 376 -21.34 3.17 5.06
CA ARG D 376 -21.36 4.43 5.80
C ARG D 376 -21.95 5.57 4.97
N PRO D 377 -23.27 5.67 4.91
CA PRO D 377 -23.91 6.68 4.07
C PRO D 377 -23.86 8.07 4.67
N SER D 378 -24.03 9.09 3.84
CA SER D 378 -24.19 10.46 4.33
C SER D 378 -25.56 10.61 5.00
N PRO D 379 -25.80 11.71 5.70
CA PRO D 379 -27.09 11.92 6.38
C PRO D 379 -28.30 11.81 5.47
N ASP D 380 -28.22 12.25 4.21
CA ASP D 380 -29.37 12.13 3.34
C ASP D 380 -29.28 10.85 2.53
N PHE D 381 -28.32 10.00 2.90
CA PHE D 381 -28.30 8.64 2.39
C PHE D 381 -28.04 8.70 0.82
N SER D 382 -27.48 9.82 0.33
CA SER D 382 -27.21 10.03 -1.12
C SER D 382 -25.79 9.68 -1.58
N LYS D 383 -24.88 9.57 -0.63
CA LYS D 383 -23.53 9.13 -0.96
C LYS D 383 -23.02 8.21 0.14
N ILE D 384 -21.90 7.55 -0.12
CA ILE D 384 -21.32 6.70 0.89
C ILE D 384 -19.81 6.92 1.02
N ALA D 385 -19.31 6.79 2.24
CA ALA D 385 -17.86 6.90 2.45
C ALA D 385 -17.13 5.58 2.15
N TRP D 386 -17.88 4.48 2.12
CA TRP D 386 -17.36 3.14 1.86
C TRP D 386 -18.47 2.09 1.83
N PHE D 387 -18.17 0.92 1.29
CA PHE D 387 -19.15 -0.16 1.23
C PHE D 387 -18.37 -1.45 1.34
N LEU D 388 -18.91 -2.42 2.06
CA LEU D 388 -18.26 -3.69 2.27
C LEU D 388 -19.27 -4.76 1.93
N VAL D 389 -18.90 -5.72 1.06
CA VAL D 389 -19.69 -6.92 0.90
C VAL D 389 -18.83 -8.06 1.46
N THR D 390 -19.43 -8.90 2.29
CA THR D 390 -18.69 -9.89 3.06
C THR D 390 -19.55 -11.12 3.35
N SER D 391 -18.90 -12.20 3.77
CA SER D 391 -19.66 -13.35 4.23
C SER D 391 -20.01 -13.17 5.71
N ALA D 392 -19.44 -12.15 6.35
CA ALA D 392 -19.57 -11.99 7.80
C ALA D 392 -20.95 -11.50 8.25
N ASN D 393 -21.65 -12.33 9.02
CA ASN D 393 -22.92 -11.91 9.58
C ASN D 393 -22.71 -11.08 10.85
N LEU D 394 -23.80 -10.72 11.52
CA LEU D 394 -23.69 -9.90 12.72
C LEU D 394 -23.46 -10.82 13.93
N SER D 395 -22.23 -11.27 14.08
CA SER D 395 -21.89 -12.13 15.20
C SER D 395 -20.46 -11.82 15.67
N LYS D 396 -20.21 -12.05 16.96
CA LYS D 396 -18.86 -11.93 17.48
C LYS D 396 -17.98 -13.00 16.86
N ALA D 397 -18.57 -14.17 16.62
CA ALA D 397 -17.88 -15.30 16.00
C ALA D 397 -17.17 -14.90 14.70
N ALA D 398 -17.87 -14.13 13.86
CA ALA D 398 -17.38 -13.69 12.56
C ALA D 398 -16.50 -12.44 12.64
N TRP D 399 -16.91 -11.50 13.48
CA TRP D 399 -16.26 -10.18 13.50
C TRP D 399 -15.14 -10.05 14.53
N GLY D 400 -15.17 -10.89 15.55
CA GLY D 400 -14.18 -10.86 16.60
C GLY D 400 -14.71 -10.18 17.87
N ALA D 401 -14.20 -10.62 19.01
CA ALA D 401 -14.54 -9.95 20.27
C ALA D 401 -13.29 -9.77 21.11
N LEU D 402 -13.16 -8.60 21.72
CA LEU D 402 -11.99 -8.27 22.52
C LEU D 402 -11.96 -9.08 23.81
N GLU D 403 -10.77 -9.58 24.15
CA GLU D 403 -10.52 -10.39 25.35
C GLU D 403 -9.28 -9.82 26.07
N LYS D 404 -8.92 -10.45 27.20
CA LYS D 404 -7.76 -10.03 28.00
C LYS D 404 -7.73 -8.53 28.20
N ASN D 405 -8.83 -7.98 28.66
CA ASN D 405 -8.93 -6.54 28.92
C ASN D 405 -8.53 -5.65 27.73
N GLY D 406 -9.16 -5.89 26.58
CA GLY D 406 -8.97 -5.06 25.39
C GLY D 406 -7.67 -5.25 24.61
N THR D 407 -6.89 -6.28 24.94
CA THR D 407 -5.61 -6.47 24.24
C THR D 407 -5.62 -7.60 23.23
N GLN D 408 -6.72 -8.33 23.18
CA GLN D 408 -6.74 -9.52 22.34
C GLN D 408 -8.08 -9.69 21.63
N LEU D 409 -8.02 -9.79 20.30
CA LEU D 409 -9.22 -10.02 19.54
C LEU D 409 -9.35 -11.50 19.29
N MET D 410 -10.48 -12.07 19.68
CA MET D 410 -10.69 -13.49 19.47
C MET D 410 -11.75 -13.68 18.40
N ILE D 411 -11.41 -14.51 17.41
CA ILE D 411 -12.32 -14.79 16.31
C ILE D 411 -12.52 -16.29 16.25
N ARG D 412 -13.76 -16.71 16.08
CA ARG D 412 -14.07 -18.13 15.93
C ARG D 412 -14.04 -18.66 14.50
N SER D 413 -14.29 -17.79 13.52
CA SER D 413 -14.61 -18.28 12.18
C SER D 413 -13.71 -17.79 11.07
N TYR D 414 -13.81 -18.45 9.92
CA TYR D 414 -13.23 -17.93 8.69
C TYR D 414 -14.32 -17.12 7.98
N GLU D 415 -14.04 -15.87 7.67
CA GLU D 415 -14.93 -15.02 6.88
C GLU D 415 -14.11 -14.23 5.83
N LEU D 416 -14.75 -13.68 4.81
CA LEU D 416 -14.04 -12.91 3.79
C LEU D 416 -14.93 -11.93 3.06
N GLY D 417 -14.44 -10.71 2.87
CA GLY D 417 -15.21 -9.73 2.13
C GLY D 417 -14.29 -8.75 1.45
N VAL D 418 -14.84 -7.85 0.64
CA VAL D 418 -14.02 -6.85 -0.03
C VAL D 418 -14.57 -5.49 0.27
N LEU D 419 -13.68 -4.57 0.64
CA LEU D 419 -14.08 -3.23 0.99
C LEU D 419 -13.82 -2.28 -0.18
N PHE D 420 -14.84 -1.51 -0.54
CA PHE D 420 -14.75 -0.49 -1.58
C PHE D 420 -14.54 0.88 -0.92
N LEU D 421 -13.34 1.44 -1.08
CA LEU D 421 -12.97 2.74 -0.54
C LEU D 421 -12.82 3.78 -1.64
N PRO D 422 -13.52 4.90 -1.54
CA PRO D 422 -13.41 5.95 -2.57
C PRO D 422 -11.95 6.29 -2.87
N SER D 423 -11.08 6.25 -1.86
CA SER D 423 -9.68 6.63 -2.06
C SER D 423 -8.97 5.70 -3.05
N ALA D 424 -9.45 4.47 -3.12
CA ALA D 424 -8.81 3.48 -4.00
C ALA D 424 -9.11 3.79 -5.46
N LEU D 425 -10.12 4.63 -5.70
CA LEU D 425 -10.39 5.17 -7.04
C LEU D 425 -10.00 6.66 -7.12
N GLY D 426 -9.35 7.18 -6.09
CA GLY D 426 -9.03 8.60 -6.01
C GLY D 426 -10.22 9.53 -5.79
N LEU D 427 -11.25 9.01 -5.13
CA LEU D 427 -12.45 9.80 -4.81
C LEU D 427 -12.53 10.05 -3.30
N ASP D 428 -13.48 10.88 -2.88
CA ASP D 428 -13.70 11.16 -1.45
C ASP D 428 -14.94 10.43 -0.91
N SER D 429 -15.87 10.16 -1.82
CA SER D 429 -17.06 9.38 -1.49
C SER D 429 -17.61 8.83 -2.79
N PHE D 430 -18.50 7.86 -2.70
CA PHE D 430 -19.23 7.39 -3.88
C PHE D 430 -20.64 7.94 -3.81
N LYS D 431 -21.18 8.36 -4.94
CA LYS D 431 -22.58 8.68 -5.04
C LYS D 431 -23.33 7.36 -5.08
N VAL D 432 -24.47 7.31 -4.41
CA VAL D 432 -25.28 6.11 -4.38
C VAL D 432 -26.12 6.03 -5.65
N LYS D 433 -25.99 4.91 -6.37
CA LYS D 433 -26.79 4.69 -7.57
C LYS D 433 -28.22 4.40 -7.13
N GLN D 434 -29.18 5.20 -7.61
CA GLN D 434 -30.53 5.18 -7.05
C GLN D 434 -31.39 4.05 -7.60
N LYS D 435 -31.06 3.58 -8.79
CA LYS D 435 -31.70 2.41 -9.39
C LYS D 435 -30.62 1.42 -9.81
N PHE D 436 -30.55 0.28 -9.12
CA PHE D 436 -29.47 -0.68 -9.27
C PHE D 436 -29.26 -1.12 -10.72
N MET D 444 -21.08 5.80 -13.80
CA MET D 444 -19.64 5.59 -13.74
C MET D 444 -19.17 5.23 -12.32
N ALA D 445 -18.82 6.26 -11.52
CA ALA D 445 -18.41 6.06 -10.13
C ALA D 445 -19.55 6.25 -9.12
N THR D 446 -20.75 5.81 -9.49
CA THR D 446 -21.82 5.74 -8.53
C THR D 446 -21.97 4.27 -8.16
N PHE D 447 -21.96 4.02 -6.86
CA PHE D 447 -21.95 2.67 -6.34
C PHE D 447 -23.35 2.06 -6.31
N PRO D 448 -23.49 0.86 -6.86
CA PRO D 448 -24.78 0.19 -6.92
C PRO D 448 -25.16 -0.47 -5.59
N VAL D 449 -25.77 0.29 -4.68
CA VAL D 449 -26.28 -0.25 -3.42
C VAL D 449 -27.52 -1.07 -3.72
N PRO D 450 -27.50 -2.36 -3.35
CA PRO D 450 -28.53 -3.30 -3.80
C PRO D 450 -29.90 -3.22 -3.14
N TYR D 451 -30.05 -2.42 -2.09
CA TYR D 451 -31.34 -2.31 -1.42
C TYR D 451 -31.69 -0.86 -1.17
N ASP D 452 -32.92 -0.63 -0.74
CA ASP D 452 -33.45 0.71 -0.68
C ASP D 452 -32.92 1.47 0.50
N LEU D 453 -32.82 2.78 0.32
CA LEU D 453 -32.44 3.74 1.35
C LEU D 453 -33.46 4.90 1.31
N PRO D 454 -33.77 5.46 2.48
CA PRO D 454 -33.21 5.01 3.76
C PRO D 454 -33.89 3.71 4.17
N PRO D 455 -33.29 2.94 5.07
CA PRO D 455 -33.89 1.69 5.51
C PRO D 455 -35.16 1.98 6.32
N GLU D 456 -36.17 1.12 6.26
CA GLU D 456 -37.43 1.35 6.95
C GLU D 456 -37.51 0.60 8.27
N LEU D 457 -37.74 1.32 9.36
CA LEU D 457 -37.83 0.71 10.67
C LEU D 457 -38.96 -0.32 10.70
N TYR D 458 -38.81 -1.36 11.54
CA TYR D 458 -39.88 -2.33 11.74
C TYR D 458 -41.13 -1.61 12.23
N GLY D 459 -42.29 -2.15 11.89
CA GLY D 459 -43.57 -1.65 12.40
C GLY D 459 -43.77 -2.11 13.83
N SER D 460 -44.75 -1.51 14.50
CA SER D 460 -45.01 -1.84 15.90
C SER D 460 -45.47 -3.29 16.03
N LYS D 461 -46.00 -3.86 14.95
CA LYS D 461 -46.40 -5.27 14.95
C LYS D 461 -45.37 -6.19 14.25
N ASP D 462 -44.24 -5.63 13.83
CA ASP D 462 -43.25 -6.44 13.15
C ASP D 462 -42.41 -7.17 14.15
N ARG D 463 -41.90 -8.32 13.72
CA ARG D 463 -40.99 -9.12 14.51
C ARG D 463 -39.86 -9.62 13.61
N PRO D 464 -38.68 -9.78 14.19
CA PRO D 464 -37.55 -10.36 13.46
C PRO D 464 -37.91 -11.80 13.09
N TRP D 465 -37.52 -12.22 11.90
CA TRP D 465 -37.62 -13.63 11.60
C TRP D 465 -36.81 -14.45 12.62
N ILE D 466 -37.47 -15.43 13.23
CA ILE D 466 -36.82 -16.32 14.17
C ILE D 466 -37.17 -17.72 13.70
N TRP D 467 -36.15 -18.52 13.39
CA TRP D 467 -36.39 -19.70 12.57
C TRP D 467 -37.03 -20.91 13.25
N ASN D 468 -36.88 -20.99 14.58
CA ASN D 468 -37.31 -22.18 15.31
C ASN D 468 -38.52 -21.96 16.23
N ILE D 469 -39.41 -21.05 15.84
CA ILE D 469 -40.73 -20.97 16.45
C ILE D 469 -41.75 -21.03 15.32
N PRO D 470 -43.00 -21.36 15.68
CA PRO D 470 -44.06 -21.55 14.69
C PRO D 470 -44.68 -20.23 14.23
N TYR D 471 -45.08 -20.19 12.97
CA TYR D 471 -45.85 -19.08 12.41
C TYR D 471 -47.06 -19.71 11.76
N VAL D 472 -48.23 -19.51 12.37
CA VAL D 472 -49.47 -20.13 11.87
C VAL D 472 -50.63 -19.12 11.75
N LYS D 473 -50.34 -17.85 11.97
CA LYS D 473 -51.41 -16.86 11.92
C LYS D 473 -51.80 -16.58 10.47
N ALA D 474 -50.83 -16.67 9.57
CA ALA D 474 -51.07 -16.38 8.16
C ALA D 474 -50.14 -17.20 7.25
N PRO D 475 -50.64 -17.60 6.09
CA PRO D 475 -49.90 -18.49 5.19
C PRO D 475 -48.93 -17.75 4.26
N ASP D 476 -47.91 -18.47 3.81
CA ASP D 476 -46.89 -17.87 2.97
C ASP D 476 -47.31 -17.92 1.51
N THR D 477 -46.48 -17.38 0.63
CA THR D 477 -46.80 -17.31 -0.80
C THR D 477 -47.09 -18.65 -1.50
N HIS D 478 -46.71 -19.76 -0.89
CA HIS D 478 -47.00 -21.09 -1.45
C HIS D 478 -48.20 -21.73 -0.74
N GLY D 479 -48.80 -21.01 0.20
CA GLY D 479 -49.99 -21.49 0.89
C GLY D 479 -49.69 -22.30 2.13
N ASN D 480 -48.44 -22.23 2.62
CA ASN D 480 -48.01 -22.96 3.80
C ASN D 480 -47.83 -22.15 5.10
N MET D 481 -47.82 -22.86 6.23
CA MET D 481 -47.51 -22.30 7.55
C MET D 481 -46.15 -22.81 7.94
N TRP D 482 -45.66 -22.40 9.09
CA TRP D 482 -44.31 -22.76 9.53
C TRP D 482 -44.30 -23.38 10.92
N VAL D 483 -43.94 -24.65 11.00
CA VAL D 483 -43.95 -25.38 12.25
C VAL D 483 -42.68 -26.21 12.39
N PRO D 484 -41.65 -25.63 12.99
CA PRO D 484 -40.37 -26.34 13.20
C PRO D 484 -40.52 -27.46 14.24
N SER D 485 -39.64 -28.46 14.18
CA SER D 485 -39.67 -29.61 15.08
C SER D 485 -39.26 -30.87 14.33
V VO4 E . 24.77 18.97 -0.55
O1 VO4 E . 25.17 17.55 -0.25
O3 VO4 E . 24.26 19.36 -1.92
N1 SPM F . 47.86 28.15 -2.69
C2 SPM F . 46.66 27.62 -2.04
C3 SPM F . 45.47 27.75 -2.96
C4 SPM F . 44.17 28.05 -2.20
N5 SPM F . 43.16 27.03 -2.41
C6 SPM F . 42.03 26.94 -1.53
C7 SPM F . 40.69 27.32 -2.19
C8 SPM F . 39.65 27.41 -1.08
C9 SPM F . 38.26 27.82 -1.58
N10 SPM F . 37.40 28.15 -0.45
C11 SPM F . 36.52 27.15 0.15
C12 SPM F . 36.85 26.81 1.61
C13 SPM F . 35.86 27.43 2.59
N14 SPM F . 35.67 26.58 3.76
C2 OTS G . 27.12 22.95 -1.74
C3 OTS G . 26.52 21.69 -1.72
C4 OTS G . 27.17 20.61 -1.14
O4 OTS G . 26.57 19.40 -1.13
C5 OTS G . 28.43 20.78 -0.57
C6 OTS G . 29.03 22.04 -0.58
C1 OTS G . 28.38 23.12 -1.16
C7 OTS G . 29.07 24.49 -1.17
O7 OTS G . 29.93 24.56 -0.02
C8 OTS G . 28.07 25.64 -1.15
N8 OTS G . 27.51 25.77 0.21
C2 OTR H . 27.12 22.95 -1.74
C3 OTR H . 26.52 21.69 -1.72
C4 OTR H . 27.17 20.61 -1.14
O4 OTR H . 26.57 19.40 -1.13
C5 OTR H . 28.43 20.78 -0.57
C6 OTR H . 29.03 22.04 -0.58
C1 OTR H . 28.38 23.12 -1.16
C7 OTR H . 29.07 24.49 -1.17
O7 OTR H . 29.91 24.62 -2.33
C8 OTR H . 28.07 25.64 -1.15
N8 OTR H . 27.51 25.77 0.21
V VO4 I . -24.09 -18.43 6.16
O1 VO4 I . -24.54 -17.03 6.00
O3 VO4 I . -23.61 -19.22 4.98
C2 OTS J . -26.62 -22.67 6.34
C3 OTS J . -26.00 -21.46 5.99
C4 OTS J . -26.64 -20.25 6.27
O4 OTS J . -26.05 -19.08 5.93
C5 OTS J . -27.87 -20.24 6.89
C6 OTS J . -28.47 -21.45 7.25
C1 OTS J . -27.84 -22.67 6.97
C7 OTS J . -28.57 -23.98 7.40
O7 OTS J . -29.36 -23.73 8.56
C8 OTS J . -27.58 -25.12 7.66
N8 OTS J . -26.82 -24.92 8.91
C2 OTR K . -26.62 -22.67 6.34
C3 OTR K . -26.00 -21.46 5.99
C4 OTR K . -26.64 -20.25 6.27
O4 OTR K . -26.05 -19.08 5.93
C5 OTR K . -27.87 -20.24 6.89
C6 OTR K . -28.47 -21.45 7.25
C1 OTR K . -27.84 -22.67 6.97
C7 OTR K . -28.57 -23.98 7.40
O7 OTR K . -29.49 -24.36 6.38
C8 OTR K . -27.58 -25.12 7.66
N8 OTR K . -26.82 -24.92 8.91
#